data_1O60
#
_entry.id   1O60
#
_cell.length_a   78.965
_cell.length_b   92.893
_cell.length_c   82.301
_cell.angle_alpha   90.00
_cell.angle_beta   116.82
_cell.angle_gamma   90.00
#
_symmetry.space_group_name_H-M   'P 1 21 1'
#
loop_
_entity.id
_entity.type
_entity.pdbx_description
1 polymer '2-dehydro-3-deoxyphosphooctonate aldolase'
2 water water
#
_entity_poly.entity_id   1
_entity_poly.type   'polypeptide(L)'
_entity_poly.pdbx_seq_one_letter_code
;(MSE)QNKIVKIGNIDVANDKPFVLFGG(MSE)NVLESRD(MSE)A(MSE)QVCEAYVKVTEKLGVPYVFKASFDKANRS
SIHSYRGPG(MSE)EEGLKIFQELKDTFGVKIITDVHEIYQCQPVADVVDIIQLPAFLARQTDLVEA(MSE)AKTGAVIN
VKKPQFLSPSQ(MSE)GNIVEKIEECGNDKIILCDRGTNFGYDNLIVD(MSE)LGFSV(MSE)KKASKGSPVIFDVTHSL
QCRDPFGAASSGRRAQVTELARSGLAVGIAGLFLEAHPNPNQAKCDGPSALPLSALEGFVSQ(MSE)KAIDDLVKSFPEL
DTSIGSHHHHHH
;
_entity_poly.pdbx_strand_id   A,B,C,D
#
# COMPACT_ATOMS: atom_id res chain seq x y z
N GLN A 2 25.15 11.66 -15.13
CA GLN A 2 24.99 12.26 -16.43
C GLN A 2 23.79 11.68 -17.17
N ASN A 3 23.10 12.54 -17.92
CA ASN A 3 21.92 12.10 -18.65
C ASN A 3 22.16 11.70 -20.07
N LYS A 4 21.49 10.60 -20.46
CA LYS A 4 21.59 10.15 -21.85
C LYS A 4 20.65 11.00 -22.72
N ILE A 5 21.05 11.20 -23.97
CA ILE A 5 20.21 11.91 -24.92
C ILE A 5 19.67 10.90 -25.91
N VAL A 6 18.36 10.77 -26.00
CA VAL A 6 17.77 9.84 -26.96
C VAL A 6 17.19 10.67 -28.10
N LYS A 7 17.58 10.36 -29.33
CA LYS A 7 17.08 11.14 -30.46
C LYS A 7 15.88 10.50 -31.13
N ILE A 8 14.93 11.35 -31.45
CA ILE A 8 13.70 11.02 -32.17
C ILE A 8 13.72 11.97 -33.39
N GLY A 9 14.55 11.56 -34.36
CA GLY A 9 14.64 12.49 -35.54
C GLY A 9 15.45 13.70 -35.04
N ASN A 10 14.92 14.90 -35.25
CA ASN A 10 15.57 16.13 -34.88
C ASN A 10 15.20 16.62 -33.49
N ILE A 11 14.52 15.75 -32.73
CA ILE A 11 14.17 16.03 -31.34
C ILE A 11 15.18 15.36 -30.42
N ASP A 12 15.65 16.08 -29.42
CA ASP A 12 16.55 15.51 -28.43
C ASP A 12 15.77 15.27 -27.14
N VAL A 13 15.73 14.04 -26.63
CA VAL A 13 14.99 13.83 -25.37
C VAL A 13 15.98 13.59 -24.26
N ALA A 14 15.91 14.33 -23.15
CA ALA A 14 16.86 14.07 -22.05
C ALA A 14 16.37 14.72 -20.77
N ASN A 15 16.78 14.22 -19.61
CA ASN A 15 16.24 14.79 -18.37
C ASN A 15 16.57 16.24 -18.11
N ASP A 16 17.61 16.79 -18.70
CA ASP A 16 17.99 18.19 -18.49
C ASP A 16 17.75 19.05 -19.73
N LYS A 17 17.00 18.54 -20.70
CA LYS A 17 16.67 19.33 -21.88
C LYS A 17 15.20 19.73 -21.83
N PRO A 18 14.73 20.67 -22.63
CA PRO A 18 13.32 21.08 -22.63
C PRO A 18 12.41 19.87 -22.74
N PHE A 19 11.33 19.82 -21.91
CA PHE A 19 10.47 18.63 -22.02
C PHE A 19 9.87 18.49 -23.42
N VAL A 20 9.64 17.22 -23.74
CA VAL A 20 8.99 16.85 -25.01
C VAL A 20 7.56 16.39 -24.71
N LEU A 21 6.60 16.88 -25.47
CA LEU A 21 5.22 16.46 -25.30
C LEU A 21 4.89 15.26 -26.20
N PHE A 22 4.62 14.13 -25.56
CA PHE A 22 4.16 12.92 -26.24
C PHE A 22 2.63 12.94 -26.07
N GLY A 23 1.97 13.64 -26.98
CA GLY A 23 0.58 13.92 -26.89
C GLY A 23 -0.26 13.41 -28.05
N GLY A 24 -1.44 12.92 -27.67
CA GLY A 24 -2.34 12.43 -28.73
C GLY A 24 -3.69 12.04 -28.11
N ASN A 26 -6.29 8.31 -27.03
CA ASN A 26 -6.20 6.91 -26.60
C ASN A 26 -6.08 5.98 -27.79
N VAL A 27 -7.06 6.01 -28.70
CA VAL A 27 -7.03 5.09 -29.85
C VAL A 27 -7.39 5.81 -31.13
N LEU A 28 -6.88 5.40 -32.26
CA LEU A 28 -7.22 6.01 -33.56
C LEU A 28 -8.69 5.74 -33.87
N GLU A 29 -9.60 6.50 -33.28
CA GLU A 29 -11.04 6.30 -33.44
C GLU A 29 -11.50 6.34 -34.89
N SER A 30 -10.89 7.20 -35.67
CA SER A 30 -11.18 7.35 -37.09
C SER A 30 -10.09 8.18 -37.74
N ARG A 31 -9.99 8.14 -39.06
CA ARG A 31 -8.98 8.94 -39.75
C ARG A 31 -9.28 10.43 -39.53
N ASP A 32 -10.54 10.85 -39.64
CA ASP A 32 -10.88 12.25 -39.45
C ASP A 32 -10.61 12.75 -38.04
N ALA A 34 -8.30 11.49 -35.99
CA ALA A 34 -6.85 11.48 -35.82
C ALA A 34 -6.27 12.77 -36.41
N GLN A 36 -7.83 15.62 -36.83
CA GLN A 36 -8.32 16.71 -36.01
C GLN A 36 -7.44 16.87 -34.77
N VAL A 37 -7.21 15.75 -34.07
CA VAL A 37 -6.40 15.78 -32.84
C VAL A 37 -4.96 16.16 -33.16
N CYS A 38 -4.37 15.54 -34.16
CA CYS A 38 -3.00 15.83 -34.53
C CYS A 38 -2.83 17.31 -34.91
N GLU A 39 -3.77 17.86 -35.67
CA GLU A 39 -3.66 19.28 -36.07
C GLU A 39 -3.65 20.21 -34.86
N ALA A 40 -4.50 19.93 -33.89
CA ALA A 40 -4.61 20.72 -32.68
C ALA A 40 -3.30 20.72 -31.91
N TYR A 41 -2.72 19.52 -31.70
CA TYR A 41 -1.44 19.45 -31.02
C TYR A 41 -0.33 20.12 -31.80
N VAL A 42 -0.27 19.93 -33.12
CA VAL A 42 0.79 20.54 -33.93
C VAL A 42 0.70 22.06 -33.85
N LYS A 43 -0.50 22.61 -33.96
CA LYS A 43 -0.68 24.06 -33.90
C LYS A 43 -0.22 24.61 -32.54
N VAL A 44 -0.70 23.99 -31.47
CA VAL A 44 -0.26 24.44 -30.13
C VAL A 44 1.22 24.27 -29.93
N THR A 45 1.83 23.11 -30.27
CA THR A 45 3.25 22.95 -30.00
C THR A 45 4.14 23.80 -30.91
N GLU A 46 3.74 23.99 -32.16
CA GLU A 46 4.54 24.86 -33.05
C GLU A 46 4.44 26.31 -32.58
N LYS A 47 3.29 26.73 -32.11
CA LYS A 47 3.08 28.10 -31.63
C LYS A 47 3.95 28.37 -30.41
N LEU A 48 3.88 27.44 -29.45
CA LEU A 48 4.64 27.54 -28.23
C LEU A 48 6.07 27.13 -28.31
N GLY A 49 6.53 26.43 -29.32
CA GLY A 49 7.92 26.01 -29.44
C GLY A 49 8.25 24.83 -28.51
N VAL A 50 7.35 23.87 -28.44
CA VAL A 50 7.61 22.67 -27.60
C VAL A 50 7.78 21.44 -28.51
N PRO A 51 8.83 20.66 -28.36
CA PRO A 51 9.06 19.44 -29.15
C PRO A 51 7.86 18.51 -29.01
N TYR A 52 7.45 17.85 -30.08
CA TYR A 52 6.22 17.07 -30.04
C TYR A 52 6.30 15.71 -30.73
N VAL A 53 5.59 14.74 -30.16
CA VAL A 53 5.49 13.38 -30.74
C VAL A 53 4.01 12.99 -30.58
N PHE A 54 3.37 12.57 -31.68
CA PHE A 54 1.96 12.26 -31.67
C PHE A 54 1.75 10.81 -31.18
N LYS A 55 0.81 10.63 -30.28
CA LYS A 55 0.56 9.28 -29.74
C LYS A 55 -0.86 8.83 -29.99
N ALA A 56 -1.00 7.52 -30.31
CA ALA A 56 -2.31 6.92 -30.47
C ALA A 56 -2.11 5.39 -30.55
N SER A 57 -3.06 4.65 -30.03
CA SER A 57 -2.93 3.18 -30.18
C SER A 57 -3.73 2.73 -31.40
N PHE A 58 -3.30 1.68 -32.08
CA PHE A 58 -4.08 1.15 -33.21
C PHE A 58 -4.95 0.01 -32.71
N ASP A 59 -4.59 -0.60 -31.56
CA ASP A 59 -5.38 -1.69 -31.02
C ASP A 59 -5.46 -1.66 -29.50
N LYS A 60 -6.62 -1.95 -28.94
CA LYS A 60 -6.77 -1.99 -27.48
C LYS A 60 -6.80 -3.50 -27.15
N ALA A 61 -5.73 -4.01 -26.55
CA ALA A 61 -5.66 -5.46 -26.36
C ALA A 61 -6.21 -5.96 -25.04
N ASN A 62 -6.77 -5.11 -24.21
CA ASN A 62 -7.26 -5.49 -22.91
C ASN A 62 -8.69 -5.04 -22.63
N ARG A 63 -9.55 -4.97 -23.63
CA ARG A 63 -10.94 -4.50 -23.34
C ARG A 63 -11.69 -5.55 -22.55
N SER A 64 -12.79 -5.16 -21.90
CA SER A 64 -13.53 -6.05 -21.02
C SER A 64 -14.28 -7.18 -21.69
N SER A 65 -14.53 -7.12 -22.99
CA SER A 65 -15.24 -8.18 -23.70
C SER A 65 -14.60 -8.49 -25.02
N ILE A 66 -14.80 -9.71 -25.55
CA ILE A 66 -14.27 -10.03 -26.87
C ILE A 66 -15.00 -9.19 -27.93
N HIS A 67 -16.19 -8.67 -27.58
CA HIS A 67 -16.98 -7.86 -28.49
C HIS A 67 -16.77 -6.37 -28.38
N SER A 68 -15.93 -5.90 -27.48
CA SER A 68 -15.69 -4.48 -27.28
C SER A 68 -14.96 -3.83 -28.46
N TYR A 69 -15.28 -2.58 -28.75
CA TYR A 69 -14.57 -1.82 -29.81
C TYR A 69 -13.09 -1.80 -29.42
N ARG A 70 -12.15 -2.03 -30.33
CA ARG A 70 -10.73 -2.05 -29.89
C ARG A 70 -9.80 -1.37 -30.88
N GLY A 71 -10.34 -0.44 -31.68
CA GLY A 71 -9.47 0.28 -32.63
C GLY A 71 -9.56 -0.32 -34.00
N PRO A 72 -8.92 0.35 -34.97
CA PRO A 72 -8.86 -0.04 -36.34
C PRO A 72 -8.02 -1.24 -36.66
N GLY A 73 -7.06 -1.59 -35.80
CA GLY A 73 -6.17 -2.72 -36.06
C GLY A 73 -4.90 -2.23 -36.74
N GLU A 75 -3.16 -2.85 -39.73
CA GLU A 75 -3.15 -2.38 -41.12
C GLU A 75 -3.76 -1.03 -41.33
N GLU A 76 -4.99 -0.82 -40.85
CA GLU A 76 -5.66 0.46 -41.01
C GLU A 76 -5.01 1.53 -40.14
N GLY A 77 -4.51 1.14 -38.97
CA GLY A 77 -3.85 2.10 -38.08
C GLY A 77 -2.56 2.64 -38.70
N LEU A 78 -1.75 1.79 -39.32
CA LEU A 78 -0.50 2.21 -39.93
C LEU A 78 -0.80 3.13 -41.13
N LYS A 79 -1.91 2.85 -41.81
CA LYS A 79 -2.31 3.74 -42.92
C LYS A 79 -2.58 5.15 -42.40
N ILE A 80 -3.33 5.23 -41.29
CA ILE A 80 -3.61 6.54 -40.69
C ILE A 80 -2.31 7.22 -40.28
N PHE A 81 -1.37 6.49 -39.65
CA PHE A 81 -0.10 7.10 -39.26
C PHE A 81 0.67 7.64 -40.46
N GLN A 82 0.68 6.92 -41.58
CA GLN A 82 1.37 7.37 -42.78
C GLN A 82 0.73 8.67 -43.28
N GLU A 83 -0.59 8.79 -43.19
CA GLU A 83 -1.24 10.04 -43.61
C GLU A 83 -0.88 11.19 -42.68
N LEU A 84 -0.76 10.90 -41.36
CA LEU A 84 -0.37 11.98 -40.44
C LEU A 84 1.04 12.48 -40.70
N LYS A 85 1.96 11.60 -41.08
CA LYS A 85 3.34 11.96 -41.38
C LYS A 85 3.37 12.75 -42.70
N ASP A 86 2.58 12.29 -43.67
CA ASP A 86 2.53 13.00 -44.94
C ASP A 86 1.97 14.41 -44.77
N THR A 87 0.88 14.56 -44.06
CA THR A 87 0.21 15.81 -43.84
C THR A 87 0.89 16.76 -42.86
N PHE A 88 1.34 16.29 -41.72
CA PHE A 88 1.90 17.18 -40.69
C PHE A 88 3.37 17.02 -40.44
N GLY A 89 3.95 15.91 -40.87
CA GLY A 89 5.38 15.67 -40.66
C GLY A 89 5.67 15.35 -39.19
N VAL A 90 4.69 14.80 -38.49
CA VAL A 90 4.83 14.48 -37.09
C VAL A 90 5.65 13.22 -36.85
N LYS A 91 6.24 13.19 -35.65
CA LYS A 91 6.92 11.98 -35.15
C LYS A 91 5.80 11.18 -34.48
N ILE A 92 5.84 9.85 -34.50
CA ILE A 92 4.71 9.08 -33.97
C ILE A 92 5.19 8.03 -32.95
N ILE A 93 4.38 7.87 -31.92
CA ILE A 93 4.63 6.81 -30.93
C ILE A 93 3.37 5.95 -30.87
N THR A 94 3.52 4.61 -30.83
CA THR A 94 2.36 3.74 -30.67
C THR A 94 2.78 2.49 -29.86
N ASP A 95 1.79 1.78 -29.31
CA ASP A 95 2.17 0.58 -28.53
C ASP A 95 1.96 -0.69 -29.36
N VAL A 96 2.68 -1.76 -29.01
CA VAL A 96 2.55 -3.02 -29.74
C VAL A 96 2.29 -4.13 -28.71
N HIS A 97 1.46 -5.11 -29.00
CA HIS A 97 1.09 -6.09 -27.97
C HIS A 97 1.42 -7.50 -28.41
N GLU A 98 1.83 -7.67 -29.65
CA GLU A 98 2.16 -9.01 -30.16
C GLU A 98 3.53 -8.99 -30.83
N ILE A 99 4.32 -10.03 -30.67
CA ILE A 99 5.65 -10.08 -31.24
C ILE A 99 5.74 -9.79 -32.74
N TYR A 100 4.79 -10.38 -33.49
CA TYR A 100 4.81 -10.22 -34.93
C TYR A 100 4.64 -8.79 -35.39
N GLN A 101 3.96 -7.95 -34.59
CA GLN A 101 3.74 -6.58 -34.97
C GLN A 101 4.95 -5.68 -34.88
N CYS A 102 6.00 -6.01 -34.14
CA CYS A 102 7.10 -5.10 -33.88
C CYS A 102 7.76 -4.53 -35.13
N GLN A 103 8.14 -5.42 -36.07
CA GLN A 103 8.82 -4.90 -37.25
C GLN A 103 7.98 -4.04 -38.15
N PRO A 104 6.76 -4.41 -38.48
CA PRO A 104 5.93 -3.60 -39.37
C PRO A 104 5.63 -2.26 -38.75
N VAL A 105 5.36 -2.29 -37.43
CA VAL A 105 5.09 -1.00 -36.75
C VAL A 105 6.32 -0.12 -36.73
N ALA A 106 7.50 -0.66 -36.45
CA ALA A 106 8.73 0.09 -36.38
C ALA A 106 9.14 0.65 -37.75
N ASP A 107 8.67 0.01 -38.83
CA ASP A 107 8.95 0.58 -40.16
C ASP A 107 8.16 1.84 -40.43
N VAL A 108 7.12 2.11 -39.65
CA VAL A 108 6.28 3.27 -39.84
C VAL A 108 6.44 4.32 -38.76
N VAL A 109 6.52 3.90 -37.49
CA VAL A 109 6.56 4.94 -36.42
C VAL A 109 7.96 5.23 -35.95
N ASP A 110 8.09 6.26 -35.09
CA ASP A 110 9.39 6.63 -34.57
C ASP A 110 9.71 5.95 -33.26
N ILE A 111 8.68 5.71 -32.43
CA ILE A 111 8.92 5.09 -31.12
C ILE A 111 7.90 3.98 -30.91
N ILE A 112 8.35 2.82 -30.41
CA ILE A 112 7.37 1.77 -30.11
C ILE A 112 7.28 1.65 -28.59
N GLN A 113 6.06 1.54 -28.08
CA GLN A 113 5.84 1.47 -26.65
C GLN A 113 5.56 0.03 -26.18
N LEU A 114 6.23 -0.34 -25.10
CA LEU A 114 6.09 -1.62 -24.44
C LEU A 114 5.02 -1.47 -23.35
N PRO A 115 3.87 -2.06 -23.54
CA PRO A 115 2.74 -1.94 -22.61
C PRO A 115 3.17 -2.37 -21.22
N ALA A 116 2.62 -1.65 -20.22
CA ALA A 116 3.01 -1.94 -18.84
C ALA A 116 2.78 -3.39 -18.48
N PHE A 117 1.61 -3.94 -18.83
CA PHE A 117 1.32 -5.34 -18.46
C PHE A 117 2.33 -6.32 -19.06
N LEU A 118 2.91 -6.01 -20.21
CA LEU A 118 3.84 -6.88 -20.88
C LEU A 118 5.30 -6.50 -20.74
N ALA A 119 5.63 -5.58 -19.83
CA ALA A 119 6.98 -5.10 -19.63
C ALA A 119 8.02 -6.15 -19.32
N ARG A 120 7.63 -7.31 -18.76
CA ARG A 120 8.61 -8.37 -18.51
C ARG A 120 8.54 -9.54 -19.46
N GLN A 121 7.74 -9.48 -20.52
CA GLN A 121 7.67 -10.60 -21.46
C GLN A 121 8.93 -10.54 -22.33
N THR A 122 9.92 -11.36 -21.99
CA THR A 122 11.21 -11.35 -22.66
C THR A 122 11.14 -11.48 -24.16
N ASP A 123 10.28 -12.29 -24.76
CA ASP A 123 10.30 -12.43 -26.22
C ASP A 123 9.77 -11.18 -26.93
N LEU A 124 8.81 -10.52 -26.33
CA LEU A 124 8.30 -9.27 -26.92
C LEU A 124 9.35 -8.17 -26.79
N VAL A 125 10.02 -8.08 -25.65
CA VAL A 125 11.09 -7.08 -25.44
C VAL A 125 12.19 -7.26 -26.46
N GLU A 126 12.60 -8.53 -26.65
CA GLU A 126 13.65 -8.82 -27.62
C GLU A 126 13.21 -8.47 -29.04
N ALA A 127 11.98 -8.82 -29.39
CA ALA A 127 11.49 -8.50 -30.74
C ALA A 127 11.48 -6.98 -30.93
N ALA A 129 13.29 -4.70 -29.34
CA ALA A 129 14.67 -4.23 -29.32
C ALA A 129 15.38 -4.49 -30.65
N LYS A 130 15.09 -5.64 -31.26
CA LYS A 130 15.73 -5.96 -32.56
C LYS A 130 15.35 -5.11 -33.71
N THR A 131 14.26 -4.37 -33.67
CA THR A 131 13.84 -3.49 -34.72
C THR A 131 14.75 -2.26 -34.82
N GLY A 132 15.45 -1.93 -33.74
CA GLY A 132 16.28 -0.76 -33.68
C GLY A 132 15.48 0.50 -33.41
N ALA A 133 14.15 0.42 -33.20
CA ALA A 133 13.35 1.58 -32.93
C ALA A 133 13.62 2.13 -31.52
N VAL A 134 13.17 3.38 -31.34
CA VAL A 134 13.31 3.96 -29.97
C VAL A 134 12.20 3.26 -29.18
N ILE A 135 12.47 2.90 -27.95
CA ILE A 135 11.45 2.18 -27.17
C ILE A 135 11.04 2.98 -25.94
N ASN A 136 9.73 3.11 -25.75
CA ASN A 136 9.21 3.73 -24.53
C ASN A 136 8.74 2.58 -23.60
N VAL A 137 9.31 2.44 -22.43
CA VAL A 137 8.91 1.42 -21.46
C VAL A 137 7.89 2.00 -20.47
N LYS A 138 6.68 1.48 -20.49
CA LYS A 138 5.64 1.93 -19.53
C LYS A 138 5.89 1.17 -18.22
N LYS A 139 6.22 1.86 -17.13
CA LYS A 139 6.47 1.18 -15.86
C LYS A 139 5.20 0.59 -15.30
N PRO A 140 5.23 -0.71 -15.02
CA PRO A 140 4.05 -1.36 -14.44
C PRO A 140 3.71 -0.69 -13.11
N GLN A 141 2.43 -0.66 -12.79
CA GLN A 141 1.93 -0.07 -11.55
C GLN A 141 2.38 -0.87 -10.33
N PHE A 142 2.91 -2.07 -10.51
CA PHE A 142 3.39 -2.91 -9.43
C PHE A 142 4.90 -3.06 -9.43
N LEU A 143 5.62 -2.27 -10.21
CA LEU A 143 7.06 -2.45 -10.28
C LEU A 143 7.75 -1.29 -9.56
N SER A 144 8.78 -1.55 -8.79
CA SER A 144 9.45 -0.39 -8.16
C SER A 144 10.31 0.31 -9.21
N PRO A 145 10.59 1.58 -8.97
CA PRO A 145 11.37 2.39 -9.88
C PRO A 145 12.76 1.81 -10.14
N SER A 146 13.42 1.28 -9.11
CA SER A 146 14.75 0.70 -9.32
C SER A 146 14.69 -0.51 -10.23
N GLN A 147 13.57 -1.21 -10.34
CA GLN A 147 13.50 -2.38 -11.21
C GLN A 147 13.46 -2.02 -12.68
N GLY A 149 15.87 -0.45 -14.02
CA GLY A 149 17.26 -0.70 -14.40
C GLY A 149 17.39 -2.05 -15.08
N ASN A 150 16.65 -3.05 -14.60
CA ASN A 150 16.68 -4.39 -15.15
C ASN A 150 16.10 -4.48 -16.55
N ILE A 151 15.04 -3.69 -16.81
CA ILE A 151 14.45 -3.73 -18.17
C ILE A 151 15.42 -3.06 -19.14
N VAL A 152 16.05 -1.97 -18.68
CA VAL A 152 17.05 -1.29 -19.51
C VAL A 152 18.16 -2.27 -19.90
N GLU A 153 18.66 -3.01 -18.92
CA GLU A 153 19.73 -3.99 -19.16
C GLU A 153 19.31 -5.07 -20.16
N LYS A 154 18.09 -5.57 -20.03
CA LYS A 154 17.55 -6.61 -20.92
C LYS A 154 17.47 -6.12 -22.36
N ILE A 155 17.00 -4.88 -22.52
CA ILE A 155 16.93 -4.27 -23.84
C ILE A 155 18.33 -4.02 -24.39
N GLU A 156 19.24 -3.47 -23.57
CA GLU A 156 20.59 -3.19 -24.10
C GLU A 156 21.32 -4.45 -24.54
N GLU A 157 21.04 -5.56 -23.86
CA GLU A 157 21.64 -6.86 -24.20
C GLU A 157 21.22 -7.29 -25.60
N CYS A 158 20.07 -6.79 -26.08
CA CYS A 158 19.56 -7.11 -27.41
C CYS A 158 20.14 -6.20 -28.48
N GLY A 159 21.04 -5.29 -28.12
CA GLY A 159 21.65 -4.38 -29.03
C GLY A 159 20.91 -3.08 -29.28
N ASN A 160 20.07 -2.64 -28.35
CA ASN A 160 19.35 -1.37 -28.53
C ASN A 160 19.48 -0.54 -27.26
N ASP A 161 20.00 0.69 -27.36
CA ASP A 161 20.16 1.55 -26.19
C ASP A 161 19.18 2.73 -26.20
N LYS A 162 18.36 2.89 -27.20
CA LYS A 162 17.45 4.03 -27.34
C LYS A 162 16.17 3.85 -26.54
N ILE A 163 16.30 4.03 -25.23
CA ILE A 163 15.21 3.75 -24.31
C ILE A 163 14.73 4.97 -23.53
N ILE A 164 13.40 5.04 -23.43
CA ILE A 164 12.73 6.09 -22.65
C ILE A 164 11.90 5.37 -21.59
N LEU A 165 11.84 5.94 -20.39
CA LEU A 165 11.11 5.25 -19.29
C LEU A 165 9.93 6.11 -18.91
N CYS A 166 8.73 5.55 -18.83
CA CYS A 166 7.52 6.31 -18.58
C CYS A 166 6.78 5.91 -17.32
N ASP A 167 6.65 6.83 -16.37
CA ASP A 167 5.88 6.51 -15.15
C ASP A 167 4.39 6.72 -15.35
N ARG A 168 3.56 5.81 -14.86
CA ARG A 168 2.11 5.92 -14.92
C ARG A 168 1.51 5.66 -13.54
N GLY A 169 2.30 5.94 -12.49
CA GLY A 169 1.75 5.82 -11.13
C GLY A 169 1.92 4.40 -10.60
N THR A 170 1.67 4.26 -9.31
CA THR A 170 1.91 2.96 -8.65
C THR A 170 0.71 2.52 -7.85
N ASN A 171 0.52 1.19 -7.75
CA ASN A 171 -0.63 0.68 -7.03
C ASN A 171 -0.62 1.13 -5.57
N PHE A 172 -1.78 1.52 -5.08
CA PHE A 172 -1.92 1.98 -3.70
C PHE A 172 -3.21 1.41 -3.09
N GLY A 173 -3.09 0.24 -2.48
CA GLY A 173 -4.33 -0.41 -1.98
C GLY A 173 -5.06 -0.98 -3.21
N TYR A 174 -6.33 -1.30 -3.03
CA TYR A 174 -7.13 -1.85 -4.11
C TYR A 174 -7.72 -0.74 -5.00
N ASP A 175 -7.59 -0.89 -6.30
CA ASP A 175 -8.15 0.00 -7.29
C ASP A 175 -7.79 1.47 -7.12
N ASN A 176 -6.58 1.78 -6.71
CA ASN A 176 -6.18 3.18 -6.54
C ASN A 176 -4.71 3.32 -6.88
N LEU A 177 -4.33 4.51 -7.39
CA LEU A 177 -2.94 4.74 -7.75
C LEU A 177 -2.44 6.03 -7.10
N ILE A 178 -1.15 6.04 -6.81
CA ILE A 178 -0.47 7.24 -6.31
C ILE A 178 0.78 7.44 -7.18
N VAL A 179 1.14 8.70 -7.48
CA VAL A 179 2.37 8.89 -8.25
C VAL A 179 3.48 9.22 -7.24
N ASP A 180 4.56 8.44 -7.27
CA ASP A 180 5.70 8.70 -6.39
C ASP A 180 6.63 9.65 -7.14
N LEU A 182 9.25 10.91 -6.09
CA LEU A 182 10.62 10.56 -5.81
C LEU A 182 11.12 9.44 -6.71
N GLY A 183 10.20 8.76 -7.37
CA GLY A 183 10.47 7.66 -8.26
C GLY A 183 11.31 8.09 -9.46
N PHE A 184 11.08 9.31 -9.93
CA PHE A 184 11.79 9.78 -11.12
C PHE A 184 13.30 9.74 -10.96
N SER A 185 13.82 10.29 -9.84
CA SER A 185 15.28 10.25 -9.69
C SER A 185 15.82 8.87 -9.41
N VAL A 186 15.02 7.97 -8.86
CA VAL A 186 15.40 6.57 -8.66
C VAL A 186 15.55 5.88 -10.02
N LYS A 188 16.13 7.44 -12.92
CA LYS A 188 17.26 8.00 -13.63
C LYS A 188 18.54 7.26 -13.21
N LYS A 189 18.72 7.13 -11.90
CA LYS A 189 19.90 6.51 -11.34
C LYS A 189 20.02 5.05 -11.76
N ALA A 190 18.93 4.30 -11.65
CA ALA A 190 18.93 2.88 -12.00
C ALA A 190 19.21 2.63 -13.48
N SER A 191 18.85 3.56 -14.36
CA SER A 191 19.05 3.42 -15.79
C SER A 191 20.31 4.11 -16.30
N LYS A 192 21.09 4.65 -15.38
CA LYS A 192 22.32 5.35 -15.71
C LYS A 192 22.01 6.56 -16.58
N GLY A 193 20.95 7.28 -16.27
CA GLY A 193 20.55 8.47 -16.97
C GLY A 193 19.57 8.42 -18.08
N SER A 194 18.76 7.36 -18.25
CA SER A 194 17.83 7.34 -19.38
C SER A 194 16.77 8.42 -19.16
N PRO A 195 16.24 9.03 -20.22
CA PRO A 195 15.21 10.04 -20.07
C PRO A 195 13.96 9.47 -19.41
N VAL A 196 13.38 10.22 -18.46
CA VAL A 196 12.18 9.69 -17.81
C VAL A 196 11.01 10.61 -18.13
N ILE A 197 9.86 10.06 -18.49
CA ILE A 197 8.69 10.84 -18.84
C ILE A 197 7.54 10.48 -17.91
N PHE A 198 6.55 11.38 -17.82
CA PHE A 198 5.43 11.12 -16.92
C PHE A 198 4.11 11.04 -17.69
N ASP A 199 3.40 9.93 -17.58
CA ASP A 199 2.07 9.75 -18.18
C ASP A 199 1.01 10.20 -17.18
N VAL A 200 0.67 11.48 -17.23
CA VAL A 200 -0.30 12.03 -16.28
C VAL A 200 -1.69 11.51 -16.45
N THR A 201 -2.05 11.20 -17.71
CA THR A 201 -3.39 10.70 -18.03
C THR A 201 -3.71 9.39 -17.29
N HIS A 202 -2.84 8.40 -17.46
CA HIS A 202 -3.12 7.10 -16.82
C HIS A 202 -2.75 7.06 -15.35
N SER A 203 -2.11 8.11 -14.84
CA SER A 203 -1.81 8.17 -13.42
C SER A 203 -3.08 8.56 -12.64
N LEU A 204 -4.03 9.16 -13.34
CA LEU A 204 -5.28 9.56 -12.69
C LEU A 204 -6.11 8.28 -12.56
N GLN A 205 -6.24 7.84 -11.31
CA GLN A 205 -6.94 6.57 -11.02
C GLN A 205 -8.09 6.36 -11.99
N ARG A 218 -9.91 13.85 -15.16
CA ARG A 218 -10.17 14.56 -13.94
C ARG A 218 -9.85 16.05 -14.00
N ALA A 219 -10.37 16.72 -12.97
CA ALA A 219 -10.17 18.15 -12.76
C ALA A 219 -8.76 18.45 -12.27
N GLN A 220 -7.99 17.41 -11.94
CA GLN A 220 -6.64 17.54 -11.43
C GLN A 220 -5.54 17.21 -12.44
N VAL A 221 -5.87 17.10 -13.74
CA VAL A 221 -4.84 16.74 -14.71
C VAL A 221 -3.78 17.84 -14.80
N THR A 222 -4.21 19.11 -14.76
CA THR A 222 -3.23 20.19 -14.87
C THR A 222 -2.32 20.30 -13.65
N GLU A 223 -2.87 20.26 -12.44
CA GLU A 223 -2.00 20.38 -11.27
C GLU A 223 -1.06 19.20 -11.15
N LEU A 224 -1.52 17.99 -11.48
CA LEU A 224 -0.62 16.82 -11.38
C LEU A 224 0.48 16.89 -12.45
N ALA A 225 0.14 17.39 -13.64
CA ALA A 225 1.16 17.51 -14.70
C ALA A 225 2.24 18.49 -14.30
N ARG A 226 1.84 19.60 -13.70
CA ARG A 226 2.76 20.62 -13.25
C ARG A 226 3.68 20.05 -12.16
N SER A 227 3.08 19.26 -11.28
CA SER A 227 3.85 18.63 -10.20
C SER A 227 4.91 17.69 -10.72
N GLY A 228 4.61 16.91 -11.76
CA GLY A 228 5.60 16.00 -12.33
C GLY A 228 6.70 16.75 -13.07
N LEU A 229 6.34 17.78 -13.85
CA LEU A 229 7.38 18.53 -14.58
C LEU A 229 8.24 19.34 -13.60
N ALA A 230 7.71 19.66 -12.43
CA ALA A 230 8.48 20.42 -11.43
C ALA A 230 9.66 19.62 -10.89
N VAL A 231 9.58 18.29 -10.97
CA VAL A 231 10.66 17.43 -10.55
C VAL A 231 11.89 17.61 -11.45
N GLY A 232 11.65 17.84 -12.74
CA GLY A 232 12.75 18.04 -13.71
C GLY A 232 12.89 16.69 -14.44
N ILE A 233 12.10 16.56 -15.50
CA ILE A 233 12.00 15.34 -16.29
C ILE A 233 12.10 15.60 -17.79
N ALA A 234 12.18 14.53 -18.59
CA ALA A 234 12.41 14.69 -20.02
C ALA A 234 11.15 14.87 -20.84
N GLY A 235 9.97 14.58 -20.23
CA GLY A 235 8.78 14.68 -21.07
C GLY A 235 7.50 14.38 -20.31
N LEU A 236 6.41 14.64 -21.00
CA LEU A 236 5.06 14.44 -20.45
C LEU A 236 4.26 13.67 -21.50
N PHE A 237 3.48 12.71 -21.04
CA PHE A 237 2.63 11.87 -21.93
C PHE A 237 1.19 12.20 -21.61
N LEU A 238 0.43 12.60 -22.65
CA LEU A 238 -0.91 13.09 -22.43
C LEU A 238 -1.90 12.66 -23.50
N GLU A 239 -3.12 12.36 -23.07
CA GLU A 239 -4.21 12.07 -24.01
C GLU A 239 -5.28 13.14 -23.92
N ALA A 240 -5.86 13.47 -25.08
CA ALA A 240 -6.90 14.46 -25.16
C ALA A 240 -7.97 13.96 -26.13
N HIS A 241 -9.10 14.63 -26.14
CA HIS A 241 -10.18 14.19 -27.05
C HIS A 241 -11.07 15.40 -27.27
N PRO A 242 -11.56 15.57 -28.48
CA PRO A 242 -12.47 16.68 -28.79
C PRO A 242 -13.73 16.66 -27.95
N ASN A 243 -14.28 15.51 -27.63
CA ASN A 243 -15.47 15.37 -26.79
C ASN A 243 -15.31 14.14 -25.89
N PRO A 244 -14.56 14.28 -24.80
CA PRO A 244 -14.18 13.25 -23.90
C PRO A 244 -15.21 12.27 -23.39
N ASN A 245 -16.36 12.73 -22.91
CA ASN A 245 -17.38 11.82 -22.41
C ASN A 245 -18.02 10.96 -23.50
N GLN A 246 -17.69 11.19 -24.76
CA GLN A 246 -18.18 10.43 -25.89
C GLN A 246 -17.08 9.64 -26.60
N ALA A 247 -15.92 9.50 -25.97
CA ALA A 247 -14.85 8.70 -26.60
C ALA A 247 -15.37 7.29 -26.81
N LYS A 248 -14.95 6.62 -27.88
CA LYS A 248 -15.41 5.24 -28.13
C LYS A 248 -14.95 4.31 -27.01
N CYS A 249 -13.74 4.60 -26.52
CA CYS A 249 -13.21 3.89 -25.38
C CYS A 249 -13.25 4.85 -24.19
N ASP A 250 -13.60 4.30 -23.04
CA ASP A 250 -13.67 5.17 -21.86
C ASP A 250 -12.33 5.88 -21.69
N GLY A 251 -12.37 7.18 -21.46
CA GLY A 251 -11.17 8.00 -21.25
C GLY A 251 -11.57 9.06 -20.21
N PRO A 252 -11.76 8.59 -18.99
CA PRO A 252 -12.21 9.42 -17.89
C PRO A 252 -11.30 10.61 -17.62
N SER A 253 -10.00 10.40 -17.87
CA SER A 253 -9.06 11.48 -17.61
C SER A 253 -8.56 12.18 -18.86
N ALA A 254 -9.15 11.97 -20.04
CA ALA A 254 -8.69 12.69 -21.23
C ALA A 254 -8.98 14.19 -21.10
N LEU A 255 -8.02 14.98 -21.54
CA LEU A 255 -8.22 16.44 -21.49
C LEU A 255 -9.07 16.84 -22.68
N PRO A 256 -10.01 17.74 -22.49
CA PRO A 256 -10.78 18.27 -23.62
C PRO A 256 -9.80 18.94 -24.57
N LEU A 257 -9.88 18.70 -25.87
CA LEU A 257 -8.97 19.28 -26.84
C LEU A 257 -8.86 20.80 -26.74
N SER A 258 -9.99 21.46 -26.45
CA SER A 258 -10.02 22.90 -26.33
C SER A 258 -9.13 23.46 -25.23
N ALA A 259 -8.74 22.66 -24.25
CA ALA A 259 -7.88 23.16 -23.18
C ALA A 259 -6.41 23.00 -23.45
N LEU A 260 -6.00 22.42 -24.58
CA LEU A 260 -4.62 22.19 -24.90
C LEU A 260 -3.68 23.38 -24.85
N GLU A 261 -4.04 24.50 -25.50
CA GLU A 261 -3.14 25.64 -25.49
C GLU A 261 -2.84 26.15 -24.08
N GLY A 262 -3.85 26.30 -23.24
CA GLY A 262 -3.64 26.79 -21.87
C GLY A 262 -2.81 25.78 -21.09
N PHE A 263 -3.06 24.49 -21.32
CA PHE A 263 -2.31 23.44 -20.62
C PHE A 263 -0.86 23.38 -20.98
N VAL A 264 -0.53 23.38 -22.30
CA VAL A 264 0.83 23.32 -22.76
C VAL A 264 1.59 24.61 -22.39
N SER A 265 0.87 25.73 -22.37
CA SER A 265 1.47 27.01 -22.02
C SER A 265 1.96 26.96 -20.57
N GLN A 266 1.15 26.38 -19.70
CA GLN A 266 1.63 26.22 -18.31
C GLN A 266 2.84 25.30 -18.23
N LYS A 268 5.18 24.50 -20.45
CA LYS A 268 6.39 25.12 -20.97
C LYS A 268 6.96 26.11 -19.96
N ALA A 269 6.09 26.87 -19.31
CA ALA A 269 6.55 27.87 -18.32
C ALA A 269 7.23 27.17 -17.15
N ILE A 270 6.53 26.18 -16.58
CA ILE A 270 7.10 25.45 -15.43
C ILE A 270 8.38 24.76 -15.81
N ASP A 271 8.38 24.04 -16.96
CA ASP A 271 9.58 23.34 -17.36
C ASP A 271 10.76 24.29 -17.62
N ASP A 272 10.48 25.40 -18.31
CA ASP A 272 11.57 26.36 -18.62
C ASP A 272 12.18 26.88 -17.32
N LEU A 273 11.33 27.15 -16.33
CA LEU A 273 11.79 27.65 -15.02
C LEU A 273 12.70 26.63 -14.33
N VAL A 274 12.17 25.42 -14.13
CA VAL A 274 12.89 24.37 -13.44
C VAL A 274 14.20 24.02 -14.12
N LYS A 275 14.21 23.97 -15.45
CA LYS A 275 15.41 23.65 -16.19
C LYS A 275 16.42 24.80 -16.13
N SER A 276 16.05 25.98 -15.71
CA SER A 276 16.91 27.13 -15.57
C SER A 276 17.62 27.16 -14.23
N PHE A 277 17.22 26.30 -13.29
CA PHE A 277 17.86 26.35 -11.97
C PHE A 277 19.15 25.53 -11.93
N PRO A 278 20.20 26.11 -11.36
CA PRO A 278 21.42 25.31 -11.17
C PRO A 278 21.09 24.32 -10.06
N GLU A 279 21.73 23.17 -10.08
CA GLU A 279 21.54 22.12 -9.09
C GLU A 279 21.94 22.68 -7.72
N LEU A 280 21.07 22.49 -6.74
CA LEU A 280 21.31 23.01 -5.41
C LEU A 280 22.13 21.99 -4.62
N ASP A 281 23.25 22.44 -4.08
CA ASP A 281 24.13 21.58 -3.30
C ASP A 281 23.62 21.48 -1.86
N THR A 282 23.15 20.30 -1.47
CA THR A 282 22.60 20.06 -0.16
C THR A 282 23.35 18.95 0.58
N GLN B 2 -13.82 27.97 -2.86
CA GLN B 2 -13.66 29.14 -1.99
C GLN B 2 -12.58 28.91 -0.94
N ASN B 3 -11.39 29.50 -1.13
CA ASN B 3 -10.32 29.31 -0.16
C ASN B 3 -10.48 30.14 1.09
N LYS B 4 -10.25 29.49 2.22
CA LYS B 4 -10.30 30.19 3.51
C LYS B 4 -8.97 30.92 3.69
N ILE B 5 -9.02 32.06 4.37
CA ILE B 5 -7.79 32.79 4.66
C ILE B 5 -7.60 32.70 6.18
N VAL B 6 -6.48 32.18 6.59
CA VAL B 6 -6.12 32.12 8.01
C VAL B 6 -5.00 33.13 8.24
N LYS B 7 -5.20 33.99 9.25
CA LYS B 7 -4.23 35.02 9.56
C LYS B 7 -3.34 34.66 10.73
N ILE B 8 -2.06 34.94 10.52
CA ILE B 8 -1.03 34.78 11.55
C ILE B 8 -0.45 36.20 11.70
N GLY B 9 -1.11 36.96 12.59
CA GLY B 9 -0.65 38.37 12.72
C GLY B 9 -0.92 39.02 11.35
N ASN B 10 0.09 39.59 10.73
CA ASN B 10 -0.01 40.24 9.45
C ASN B 10 0.22 39.33 8.25
N ILE B 11 0.28 38.03 8.48
CA ILE B 11 0.46 37.07 7.40
C ILE B 11 -0.88 36.49 7.00
N ASP B 12 -1.14 36.43 5.70
CA ASP B 12 -2.37 35.77 5.22
C ASP B 12 -1.97 34.40 4.66
N VAL B 13 -2.62 33.35 5.15
CA VAL B 13 -2.29 32.01 4.65
C VAL B 13 -3.50 31.48 3.88
N ALA B 14 -3.32 31.09 2.63
CA ALA B 14 -4.41 30.61 1.80
C ALA B 14 -3.86 29.85 0.60
N ASN B 15 -4.63 28.86 0.11
CA ASN B 15 -4.16 28.07 -1.02
C ASN B 15 -3.82 28.84 -2.28
N ASP B 16 -4.45 29.98 -2.49
CA ASP B 16 -4.23 30.80 -3.66
C ASP B 16 -3.47 32.08 -3.34
N LYS B 17 -2.82 32.16 -2.20
CA LYS B 17 -1.96 33.30 -1.86
C LYS B 17 -0.49 32.88 -1.97
N PRO B 18 0.46 33.81 -1.92
CA PRO B 18 1.86 33.49 -1.92
C PRO B 18 2.16 32.51 -0.83
N PHE B 19 2.97 31.48 -1.12
CA PHE B 19 3.23 30.45 -0.11
C PHE B 19 3.94 31.04 1.12
N VAL B 20 3.59 30.48 2.27
CA VAL B 20 4.24 30.87 3.53
C VAL B 20 5.24 29.77 3.92
N LEU B 21 6.42 30.16 4.38
CA LEU B 21 7.43 29.21 4.79
C LEU B 21 7.42 29.02 6.32
N PHE B 22 7.01 27.82 6.70
CA PHE B 22 7.04 27.43 8.13
C PHE B 22 8.37 26.69 8.27
N GLY B 23 9.39 27.47 8.68
CA GLY B 23 10.72 26.87 8.67
C GLY B 23 11.48 27.08 9.96
N GLY B 24 12.24 26.04 10.30
CA GLY B 24 13.05 26.12 11.48
C GLY B 24 13.95 24.93 11.64
N ASN B 26 14.31 20.92 14.03
CA ASN B 26 13.54 19.87 14.66
C ASN B 26 13.24 20.19 16.13
N VAL B 27 14.26 20.45 16.90
CA VAL B 27 14.10 20.76 18.33
C VAL B 27 15.02 21.90 18.74
N LEU B 28 14.67 22.62 19.77
CA LEU B 28 15.45 23.72 20.31
C LEU B 28 16.70 23.22 21.03
N GLU B 29 17.74 22.83 20.29
CA GLU B 29 18.94 22.29 20.92
C GLU B 29 19.57 23.19 21.94
N SER B 30 19.67 24.48 21.65
CA SER B 30 20.29 25.41 22.58
C SER B 30 19.75 26.80 22.26
N ARG B 31 19.90 27.74 23.18
CA ARG B 31 19.45 29.10 22.94
C ARG B 31 20.23 29.66 21.74
N ASP B 32 21.55 29.46 21.81
CA ASP B 32 22.41 30.00 20.76
C ASP B 32 22.10 29.41 19.39
N ALA B 34 19.27 28.20 18.31
CA ALA B 34 17.97 28.72 17.92
C ALA B 34 18.11 30.11 17.33
N GLN B 36 20.74 31.42 15.94
CA GLN B 36 21.45 31.28 14.68
C GLN B 36 20.50 30.82 13.57
N VAL B 37 19.78 29.73 13.83
CA VAL B 37 18.84 29.21 12.80
C VAL B 37 17.77 30.23 12.42
N CYS B 38 17.13 30.85 13.42
CA CYS B 38 16.11 31.84 13.20
C CYS B 38 16.63 33.04 12.40
N GLU B 39 17.86 33.48 12.73
CA GLU B 39 18.44 34.59 11.98
C GLU B 39 18.66 34.23 10.51
N ALA B 40 19.12 33.02 10.24
CA ALA B 40 19.37 32.56 8.87
C ALA B 40 18.10 32.62 8.03
N TYR B 41 17.00 32.14 8.63
CA TYR B 41 15.73 32.16 7.95
C TYR B 41 15.16 33.56 7.80
N VAL B 42 15.29 34.41 8.85
CA VAL B 42 14.75 35.75 8.72
C VAL B 42 15.50 36.51 7.64
N LYS B 43 16.81 36.38 7.62
CA LYS B 43 17.67 37.01 6.63
C LYS B 43 17.19 36.63 5.22
N VAL B 44 17.09 35.33 4.97
CA VAL B 44 16.65 34.85 3.65
C VAL B 44 15.26 35.31 3.31
N THR B 45 14.25 35.02 4.14
CA THR B 45 12.87 35.40 3.83
C THR B 45 12.67 36.91 3.72
N GLU B 46 13.34 37.70 4.54
CA GLU B 46 13.23 39.14 4.46
C GLU B 46 13.69 39.62 3.07
N LYS B 47 14.86 39.17 2.66
CA LYS B 47 15.48 39.50 1.40
C LYS B 47 14.65 39.07 0.19
N LEU B 48 14.07 37.86 0.22
CA LEU B 48 13.28 37.41 -0.92
C LEU B 48 11.83 37.83 -0.89
N GLY B 49 11.30 38.26 0.24
CA GLY B 49 9.94 38.72 0.40
C GLY B 49 8.94 37.53 0.56
N VAL B 50 9.29 36.57 1.37
CA VAL B 50 8.44 35.37 1.57
C VAL B 50 7.93 35.40 3.02
N PRO B 51 6.65 35.23 3.24
CA PRO B 51 6.11 35.21 4.63
C PRO B 51 6.77 34.06 5.38
N TYR B 52 7.09 34.30 6.66
CA TYR B 52 7.82 33.34 7.45
C TYR B 52 7.28 33.11 8.84
N VAL B 53 7.30 31.83 9.23
CA VAL B 53 6.91 31.41 10.59
C VAL B 53 8.04 30.52 11.09
N PHE B 54 8.70 30.84 12.19
CA PHE B 54 9.73 30.01 12.75
C PHE B 54 9.11 28.79 13.48
N LYS B 55 9.73 27.65 13.22
CA LYS B 55 9.28 26.39 13.81
C LYS B 55 10.33 25.64 14.57
N ALA B 56 9.98 25.07 15.73
CA ALA B 56 10.89 24.22 16.50
C ALA B 56 10.06 23.53 17.62
N SER B 57 10.45 22.36 18.03
CA SER B 57 9.83 21.63 19.12
C SER B 57 10.56 21.93 20.43
N PHE B 58 9.83 21.89 21.55
CA PHE B 58 10.48 22.10 22.86
C PHE B 58 10.63 20.74 23.55
N ASP B 59 9.91 19.74 23.05
CA ASP B 59 9.95 18.39 23.56
C ASP B 59 9.66 17.37 22.45
N LYS B 60 10.42 16.31 22.45
CA LYS B 60 10.26 15.18 21.55
C LYS B 60 9.56 14.08 22.37
N ALA B 61 8.24 13.99 22.28
CA ALA B 61 7.45 13.08 23.10
C ALA B 61 7.48 11.63 22.66
N ASN B 62 7.88 11.37 21.42
CA ASN B 62 7.93 10.02 20.90
C ASN B 62 9.36 9.59 20.60
N ARG B 63 10.24 9.80 21.57
CA ARG B 63 11.66 9.47 21.45
C ARG B 63 11.96 7.99 21.21
N SER B 64 13.25 7.74 20.99
CA SER B 64 13.75 6.39 20.75
C SER B 64 13.84 5.63 22.08
N SER B 65 14.35 6.32 23.09
CA SER B 65 14.48 5.78 24.43
C SER B 65 14.07 6.87 25.43
N ILE B 66 13.79 6.50 26.68
CA ILE B 66 13.37 7.48 27.67
C ILE B 66 14.46 8.45 28.08
N HIS B 67 15.73 8.05 27.94
CA HIS B 67 16.83 8.90 28.35
C HIS B 67 17.55 9.62 27.23
N SER B 68 17.27 9.30 25.96
CA SER B 68 17.94 10.02 24.88
C SER B 68 17.39 11.45 24.84
N TYR B 69 18.15 12.37 24.27
CA TYR B 69 17.76 13.77 24.20
C TYR B 69 16.34 13.96 23.67
N ARG B 70 15.59 14.82 24.37
CA ARG B 70 14.21 15.11 23.97
C ARG B 70 13.92 16.59 23.91
N GLY B 71 14.95 17.45 24.03
CA GLY B 71 14.71 18.88 24.00
C GLY B 71 14.81 19.51 25.37
N PRO B 72 14.69 20.83 25.43
CA PRO B 72 14.80 21.60 26.64
C PRO B 72 13.60 21.53 27.58
N GLY B 73 12.47 21.07 27.10
CA GLY B 73 11.25 21.05 27.94
C GLY B 73 10.51 22.37 27.74
N GLU B 75 9.36 24.77 29.87
CA GLU B 75 9.79 25.96 30.57
C GLU B 75 10.96 26.67 29.89
N GLU B 76 12.04 25.93 29.57
CA GLU B 76 13.17 26.60 28.91
C GLU B 76 12.82 26.92 27.46
N GLY B 77 12.04 26.06 26.82
CA GLY B 77 11.63 26.26 25.44
C GLY B 77 10.81 27.51 25.22
N LEU B 78 9.87 27.83 26.11
CA LEU B 78 9.07 29.02 26.00
C LEU B 78 9.92 30.27 26.23
N LYS B 79 10.94 30.15 27.07
CA LYS B 79 11.86 31.26 27.31
C LYS B 79 12.66 31.55 26.03
N ILE B 80 13.10 30.49 25.36
CA ILE B 80 13.84 30.65 24.10
C ILE B 80 12.91 31.23 23.04
N PHE B 81 11.67 30.73 22.95
CA PHE B 81 10.71 31.29 22.00
C PHE B 81 10.46 32.78 22.26
N GLN B 82 10.32 33.14 23.54
CA GLN B 82 10.09 34.55 23.86
C GLN B 82 11.28 35.41 23.41
N GLU B 83 12.49 34.93 23.60
CA GLU B 83 13.69 35.68 23.17
C GLU B 83 13.69 35.86 21.65
N LEU B 84 13.34 34.79 20.92
CA LEU B 84 13.26 34.92 19.46
C LEU B 84 12.27 35.97 19.02
N LYS B 85 11.09 36.08 19.67
CA LYS B 85 10.13 37.09 19.33
C LYS B 85 10.67 38.49 19.66
N ASP B 86 11.23 38.63 20.86
CA ASP B 86 11.76 39.94 21.26
C ASP B 86 12.87 40.39 20.31
N THR B 87 13.77 39.52 19.91
CA THR B 87 14.88 39.78 19.02
C THR B 87 14.47 40.00 17.56
N PHE B 88 13.75 39.04 16.99
CA PHE B 88 13.40 39.07 15.57
C PHE B 88 12.00 39.48 15.23
N GLY B 89 11.06 39.40 16.15
CA GLY B 89 9.66 39.68 15.92
C GLY B 89 9.05 38.57 15.03
N VAL B 90 9.60 37.36 15.11
CA VAL B 90 9.09 36.27 14.31
C VAL B 90 7.78 35.68 14.87
N LYS B 91 6.98 35.16 13.95
CA LYS B 91 5.81 34.36 14.25
C LYS B 91 6.34 32.95 14.53
N ILE B 92 5.72 32.24 15.49
CA ILE B 92 6.25 30.95 15.90
C ILE B 92 5.15 29.86 15.97
N ILE B 93 5.58 28.69 15.54
CA ILE B 93 4.78 27.47 15.57
C ILE B 93 5.56 26.44 16.37
N THR B 94 4.84 25.72 17.26
CA THR B 94 5.46 24.62 17.99
C THR B 94 4.42 23.54 18.28
N ASP B 95 4.83 22.31 18.51
CA ASP B 95 3.82 21.26 18.77
C ASP B 95 3.60 21.09 20.27
N VAL B 96 2.38 20.64 20.60
CA VAL B 96 2.05 20.34 22.00
C VAL B 96 1.59 18.88 22.08
N HIS B 97 1.92 18.18 23.17
CA HIS B 97 1.64 16.78 23.28
C HIS B 97 0.74 16.48 24.50
N GLU B 98 0.56 17.46 25.36
CA GLU B 98 -0.25 17.20 26.57
C GLU B 98 -1.28 18.30 26.73
N ILE B 99 -2.42 17.93 27.32
CA ILE B 99 -3.48 18.90 27.54
C ILE B 99 -3.01 20.09 28.35
N TYR B 100 -2.25 19.89 29.41
CA TYR B 100 -1.80 20.99 30.26
C TYR B 100 -0.93 22.02 29.57
N GLN B 101 -0.25 21.63 28.48
CA GLN B 101 0.64 22.57 27.81
C GLN B 101 -0.06 23.56 26.91
N CYS B 102 -1.31 23.32 26.54
CA CYS B 102 -1.95 24.19 25.56
C CYS B 102 -2.03 25.64 25.99
N GLN B 103 -2.56 25.91 27.20
CA GLN B 103 -2.63 27.29 27.64
C GLN B 103 -1.33 28.03 27.79
N PRO B 104 -0.29 27.53 28.43
CA PRO B 104 0.97 28.24 28.56
C PRO B 104 1.68 28.42 27.22
N VAL B 105 1.59 27.40 26.36
CA VAL B 105 2.26 27.53 25.06
C VAL B 105 1.56 28.50 24.16
N ALA B 106 0.23 28.56 24.16
CA ALA B 106 -0.51 29.46 23.28
C ALA B 106 -0.37 30.91 23.73
N ASP B 107 0.06 31.11 24.98
CA ASP B 107 0.32 32.47 25.44
C ASP B 107 1.58 33.06 24.87
N VAL B 108 2.48 32.26 24.31
CA VAL B 108 3.74 32.72 23.74
C VAL B 108 3.75 32.61 22.22
N VAL B 109 3.42 31.42 21.70
CA VAL B 109 3.51 31.19 20.25
C VAL B 109 2.26 31.61 19.49
N ASP B 110 2.34 31.61 18.14
CA ASP B 110 1.20 32.00 17.33
C ASP B 110 0.37 30.82 16.84
N ILE B 111 1.01 29.71 16.52
CA ILE B 111 0.37 28.52 16.01
C ILE B 111 0.79 27.30 16.82
N ILE B 112 -0.20 26.51 17.23
CA ILE B 112 0.06 25.29 17.97
C ILE B 112 -0.25 24.12 17.04
N GLN B 113 0.70 23.19 16.94
CA GLN B 113 0.59 22.02 16.08
C GLN B 113 0.14 20.78 16.81
N LEU B 114 -0.82 20.08 16.18
CA LEU B 114 -1.33 18.81 16.70
C LEU B 114 -0.50 17.68 16.08
N PRO B 115 0.29 16.98 16.86
CA PRO B 115 1.16 15.92 16.35
C PRO B 115 0.33 14.87 15.63
N ALA B 116 0.89 14.34 14.56
CA ALA B 116 0.17 13.36 13.73
C ALA B 116 -0.38 12.19 14.50
N PHE B 117 0.45 11.55 15.34
CA PHE B 117 -0.04 10.40 16.12
C PHE B 117 -1.17 10.74 17.06
N LEU B 118 -1.31 12.00 17.47
CA LEU B 118 -2.33 12.43 18.39
C LEU B 118 -3.49 13.16 17.72
N ALA B 119 -3.55 13.14 16.39
CA ALA B 119 -4.56 13.86 15.65
C ALA B 119 -6.01 13.52 15.99
N ARG B 120 -6.31 12.33 16.47
CA ARG B 120 -7.68 11.98 16.81
C ARG B 120 -7.92 11.94 18.31
N GLN B 121 -6.98 12.41 19.12
CA GLN B 121 -7.20 12.48 20.58
C GLN B 121 -8.08 13.68 20.91
N THR B 122 -9.34 13.40 21.22
CA THR B 122 -10.36 14.41 21.45
C THR B 122 -10.06 15.43 22.52
N ASP B 123 -9.62 15.01 23.69
CA ASP B 123 -9.37 15.95 24.79
C ASP B 123 -8.27 16.94 24.46
N LEU B 124 -7.24 16.48 23.74
CA LEU B 124 -6.14 17.38 23.36
C LEU B 124 -6.60 18.37 22.30
N VAL B 125 -7.33 17.86 21.32
CA VAL B 125 -7.88 18.72 20.26
C VAL B 125 -8.70 19.86 20.87
N GLU B 126 -9.57 19.50 21.83
CA GLU B 126 -10.41 20.49 22.49
C GLU B 126 -9.61 21.51 23.30
N ALA B 127 -8.60 21.07 24.03
CA ALA B 127 -7.80 22.01 24.83
C ALA B 127 -7.04 22.97 23.91
N ALA B 129 -7.98 23.83 20.80
CA ALA B 129 -8.96 24.67 20.14
C ALA B 129 -9.43 25.81 21.03
N LYS B 130 -9.68 25.54 22.31
CA LYS B 130 -10.14 26.54 23.26
C LYS B 130 -9.14 27.62 23.57
N THR B 131 -7.85 27.45 23.25
CA THR B 131 -6.88 28.50 23.49
C THR B 131 -7.08 29.68 22.53
N GLY B 132 -7.68 29.43 21.38
CA GLY B 132 -7.91 30.42 20.35
C GLY B 132 -6.75 30.55 19.39
N ALA B 133 -5.67 29.80 19.61
CA ALA B 133 -4.51 29.89 18.72
C ALA B 133 -4.83 29.28 17.36
N VAL B 134 -4.06 29.67 16.35
CA VAL B 134 -4.15 28.99 15.05
C VAL B 134 -3.62 27.57 15.28
N ILE B 135 -4.29 26.58 14.69
CA ILE B 135 -3.96 25.20 14.85
C ILE B 135 -3.48 24.61 13.50
N ASN B 136 -2.32 23.97 13.53
CA ASN B 136 -1.79 23.25 12.39
C ASN B 136 -2.06 21.75 12.66
N VAL B 137 -2.80 21.13 11.76
CA VAL B 137 -3.11 19.70 11.93
C VAL B 137 -2.14 18.88 11.07
N LYS B 138 -1.29 18.09 11.70
CA LYS B 138 -0.41 17.21 10.90
C LYS B 138 -1.18 15.97 10.48
N LYS B 139 -1.32 15.72 9.18
CA LYS B 139 -2.05 14.55 8.72
C LYS B 139 -1.28 13.26 9.01
N PRO B 140 -1.87 12.36 9.78
CA PRO B 140 -1.22 11.10 10.07
C PRO B 140 -0.90 10.37 8.76
N GLN B 141 0.20 9.64 8.75
CA GLN B 141 0.64 8.89 7.56
C GLN B 141 -0.35 7.81 7.18
N PHE B 142 -1.23 7.42 8.08
CA PHE B 142 -2.23 6.40 7.83
C PHE B 142 -3.61 6.95 7.57
N LEU B 143 -3.83 8.25 7.57
CA LEU B 143 -5.17 8.81 7.37
C LEU B 143 -5.41 9.20 5.92
N SER B 144 -6.64 9.02 5.43
CA SER B 144 -6.89 9.45 4.04
C SER B 144 -7.10 10.97 4.04
N PRO B 145 -6.85 11.62 2.93
CA PRO B 145 -7.02 13.07 2.82
C PRO B 145 -8.44 13.51 3.11
N SER B 146 -9.42 12.75 2.68
CA SER B 146 -10.84 13.11 2.93
C SER B 146 -11.16 13.11 4.40
N GLN B 147 -10.45 12.34 5.23
CA GLN B 147 -10.73 12.32 6.69
C GLN B 147 -10.29 13.58 7.41
N GLY B 149 -11.42 16.35 6.73
CA GLY B 149 -12.67 17.11 6.90
C GLY B 149 -13.30 16.85 8.27
N ASN B 150 -13.23 15.62 8.78
CA ASN B 150 -13.80 15.31 10.09
C ASN B 150 -13.08 15.99 11.22
N ILE B 151 -11.75 16.13 11.07
CA ILE B 151 -10.97 16.81 12.11
C ILE B 151 -11.23 18.30 12.08
N VAL B 152 -11.44 18.87 10.89
CA VAL B 152 -11.83 20.27 10.80
C VAL B 152 -13.17 20.48 11.52
N GLU B 153 -14.14 19.60 11.26
CA GLU B 153 -15.43 19.75 11.94
C GLU B 153 -15.28 19.67 13.47
N LYS B 154 -14.42 18.78 13.92
CA LYS B 154 -14.21 18.60 15.36
C LYS B 154 -13.65 19.85 16.00
N ILE B 155 -12.65 20.47 15.35
CA ILE B 155 -12.08 21.71 15.90
C ILE B 155 -13.11 22.84 15.84
N GLU B 156 -13.88 22.92 14.77
CA GLU B 156 -14.89 23.98 14.64
C GLU B 156 -15.97 23.88 15.70
N GLU B 157 -16.28 22.66 16.14
CA GLU B 157 -17.27 22.45 17.19
C GLU B 157 -16.81 23.05 18.51
N CYS B 158 -15.50 23.23 18.66
CA CYS B 158 -14.91 23.83 19.85
C CYS B 158 -14.86 25.34 19.75
N GLY B 159 -15.28 25.96 18.66
CA GLY B 159 -15.31 27.42 18.57
C GLY B 159 -14.11 28.03 17.89
N ASN B 160 -13.26 27.20 17.29
CA ASN B 160 -12.08 27.74 16.60
C ASN B 160 -12.07 27.29 15.14
N ASP B 161 -12.06 28.22 14.20
CA ASP B 161 -11.99 27.83 12.78
C ASP B 161 -10.65 28.19 12.15
N LYS B 162 -9.67 28.57 12.96
CA LYS B 162 -8.37 29.00 12.44
C LYS B 162 -7.47 27.78 12.29
N ILE B 163 -7.71 27.06 11.18
CA ILE B 163 -7.05 25.77 10.97
C ILE B 163 -6.26 25.68 9.68
N ILE B 164 -5.06 25.08 9.79
CA ILE B 164 -4.20 24.80 8.65
C ILE B 164 -3.96 23.28 8.63
N LEU B 165 -3.96 22.69 7.43
CA LEU B 165 -3.75 21.24 7.31
C LEU B 165 -2.36 20.97 6.75
N CYS B 166 -1.65 20.01 7.29
CA CYS B 166 -0.27 19.77 6.87
C CYS B 166 -0.05 18.31 6.45
N ASP B 167 0.40 18.11 5.22
CA ASP B 167 0.66 16.75 4.73
C ASP B 167 2.12 16.39 4.94
N ARG B 168 2.38 15.17 5.42
CA ARG B 168 3.73 14.68 5.59
C ARG B 168 3.91 13.31 4.96
N GLY B 169 3.14 13.02 3.92
CA GLY B 169 3.32 11.73 3.23
C GLY B 169 2.40 10.66 3.83
N THR B 170 2.32 9.56 3.08
CA THR B 170 1.43 8.46 3.48
C THR B 170 2.18 7.13 3.48
N ASN B 171 1.79 6.25 4.41
CA ASN B 171 2.52 4.97 4.48
C ASN B 171 2.38 4.23 3.15
N PHE B 172 3.48 3.61 2.75
CA PHE B 172 3.48 2.84 1.50
C PHE B 172 4.24 1.53 1.75
N GLY B 173 3.49 0.51 2.18
CA GLY B 173 4.16 -0.77 2.50
C GLY B 173 4.78 -0.58 3.89
N TYR B 174 5.69 -1.46 4.28
CA TYR B 174 6.31 -1.27 5.60
C TYR B 174 7.44 -0.25 5.55
N ASP B 175 7.50 0.57 6.58
CA ASP B 175 8.52 1.59 6.75
C ASP B 175 8.90 2.35 5.49
N ASN B 176 7.91 2.92 4.80
CA ASN B 176 8.24 3.72 3.60
C ASN B 176 7.08 4.70 3.39
N LEU B 177 7.38 5.85 2.74
CA LEU B 177 6.35 6.84 2.53
C LEU B 177 6.32 7.32 1.08
N ILE B 178 5.12 7.68 0.66
CA ILE B 178 4.92 8.28 -0.67
C ILE B 178 4.08 9.55 -0.45
N VAL B 179 4.35 10.60 -1.23
CA VAL B 179 3.49 11.79 -1.07
C VAL B 179 2.45 11.75 -2.18
N ASP B 180 1.18 11.82 -1.85
CA ASP B 180 0.11 11.81 -2.87
C ASP B 180 -0.19 13.26 -3.23
N LEU B 182 -2.09 14.34 -5.36
CA LEU B 182 -3.53 14.54 -5.57
C LEU B 182 -4.27 14.72 -4.26
N GLY B 183 -3.64 14.39 -3.13
CA GLY B 183 -4.30 14.52 -1.84
C GLY B 183 -4.52 15.98 -1.43
N PHE B 184 -3.72 16.91 -1.96
CA PHE B 184 -3.88 18.31 -1.58
C PHE B 184 -5.27 18.79 -2.00
N SER B 185 -5.68 18.50 -3.22
CA SER B 185 -7.01 18.90 -3.71
C SER B 185 -8.13 18.28 -2.87
N VAL B 186 -7.96 17.03 -2.51
CA VAL B 186 -8.98 16.36 -1.68
C VAL B 186 -9.10 16.99 -0.31
N LYS B 188 -8.36 20.09 0.40
CA LYS B 188 -9.02 21.39 0.18
C LYS B 188 -10.54 21.25 0.10
N LYS B 189 -11.02 20.30 -0.66
CA LYS B 189 -12.48 20.11 -0.80
C LYS B 189 -13.12 19.60 0.46
N ALA B 190 -12.51 18.64 1.14
CA ALA B 190 -13.11 18.10 2.37
C ALA B 190 -13.13 19.10 3.51
N SER B 191 -12.22 20.07 3.56
CA SER B 191 -12.17 21.06 4.62
C SER B 191 -12.91 22.35 4.24
N LYS B 192 -13.48 22.37 3.05
CA LYS B 192 -14.17 23.54 2.54
C LYS B 192 -13.22 24.69 2.34
N GLY B 193 -11.97 24.41 1.90
CA GLY B 193 -11.02 25.43 1.58
C GLY B 193 -9.96 25.80 2.58
N SER B 194 -9.75 24.99 3.63
CA SER B 194 -8.70 25.36 4.57
C SER B 194 -7.36 25.30 3.85
N PRO B 195 -6.44 26.15 4.27
CA PRO B 195 -5.10 26.16 3.71
C PRO B 195 -4.42 24.81 3.94
N VAL B 196 -3.73 24.35 2.90
CA VAL B 196 -2.99 23.09 2.97
C VAL B 196 -1.50 23.35 2.78
N ILE B 197 -0.67 22.80 3.67
CA ILE B 197 0.78 23.01 3.58
C ILE B 197 1.52 21.66 3.47
N PHE B 198 2.75 21.72 2.96
CA PHE B 198 3.49 20.46 2.71
C PHE B 198 4.75 20.38 3.55
N ASP B 199 4.84 19.35 4.39
CA ASP B 199 6.02 19.08 5.22
C ASP B 199 6.97 18.20 4.44
N VAL B 200 7.84 18.84 3.68
CA VAL B 200 8.73 18.10 2.79
C VAL B 200 9.79 17.33 3.56
N THR B 201 10.28 17.85 4.69
CA THR B 201 11.32 17.13 5.41
C THR B 201 10.86 15.83 6.02
N HIS B 202 9.64 15.74 6.52
CA HIS B 202 9.20 14.47 7.12
C HIS B 202 8.63 13.50 6.10
N SER B 203 8.36 13.97 4.90
CA SER B 203 7.87 13.12 3.82
C SER B 203 8.99 12.29 3.20
N LEU B 204 10.23 12.62 3.51
CA LEU B 204 11.39 11.94 2.97
C LEU B 204 11.90 10.85 3.90
N GLN B 205 11.04 9.89 4.23
CA GLN B 205 11.37 8.80 5.14
C GLN B 205 11.62 9.32 6.54
N ARG B 218 18.66 14.79 2.51
CA ARG B 218 18.23 14.15 1.28
C ARG B 218 18.48 15.02 0.06
N ALA B 219 19.05 14.37 -0.96
CA ALA B 219 19.35 15.07 -2.20
C ALA B 219 18.08 15.42 -2.98
N GLN B 220 16.96 14.78 -2.67
CA GLN B 220 15.72 15.05 -3.35
C GLN B 220 14.81 16.01 -2.60
N VAL B 221 15.22 16.60 -1.48
CA VAL B 221 14.32 17.53 -0.81
C VAL B 221 13.92 18.67 -1.72
N THR B 222 14.83 19.22 -2.52
CA THR B 222 14.47 20.38 -3.37
C THR B 222 13.46 20.03 -4.45
N GLU B 223 13.72 18.94 -5.18
CA GLU B 223 12.75 18.59 -6.27
C GLU B 223 11.40 18.22 -5.69
N LEU B 224 11.38 17.54 -4.53
CA LEU B 224 10.09 17.16 -3.92
C LEU B 224 9.33 18.40 -3.48
N ALA B 225 10.04 19.36 -2.88
CA ALA B 225 9.40 20.63 -2.50
C ALA B 225 8.90 21.39 -3.70
N ARG B 226 9.63 21.38 -4.85
CA ARG B 226 9.09 22.10 -6.03
C ARG B 226 7.82 21.42 -6.52
N SER B 227 7.85 20.10 -6.49
CA SER B 227 6.73 19.28 -6.92
C SER B 227 5.47 19.56 -6.12
N GLY B 228 5.64 19.77 -4.82
CA GLY B 228 4.53 20.09 -3.93
C GLY B 228 3.98 21.48 -4.21
N LEU B 229 4.93 22.46 -4.32
CA LEU B 229 4.44 23.82 -4.61
C LEU B 229 3.84 23.95 -5.98
N ALA B 230 4.24 23.15 -6.96
CA ALA B 230 3.63 23.24 -8.30
C ALA B 230 2.14 22.90 -8.29
N VAL B 231 1.66 22.13 -7.29
CA VAL B 231 0.25 21.82 -7.16
C VAL B 231 -0.58 23.08 -6.90
N GLY B 232 -0.01 24.01 -6.13
CA GLY B 232 -0.72 25.25 -5.79
C GLY B 232 -1.24 25.06 -4.37
N ILE B 233 -0.42 25.36 -3.37
CA ILE B 233 -0.75 25.14 -1.97
C ILE B 233 -0.40 26.36 -1.12
N ALA B 234 -0.80 26.36 0.14
CA ALA B 234 -0.57 27.54 0.99
C ALA B 234 0.76 27.68 1.64
N GLY B 235 1.59 26.63 1.73
CA GLY B 235 2.87 26.77 2.42
C GLY B 235 3.70 25.52 2.35
N LEU B 236 4.91 25.64 2.89
CA LEU B 236 5.89 24.57 2.95
C LEU B 236 6.43 24.56 4.39
N PHE B 237 6.62 23.38 4.92
CA PHE B 237 7.18 23.18 6.26
C PHE B 237 8.58 22.60 6.05
N LEU B 238 9.60 23.23 6.60
CA LEU B 238 10.98 22.80 6.36
C LEU B 238 11.85 22.86 7.61
N GLU B 239 12.74 21.88 7.76
CA GLU B 239 13.68 21.87 8.87
C GLU B 239 15.09 21.92 8.31
N ALA B 240 15.94 22.72 8.93
CA ALA B 240 17.32 22.87 8.52
C ALA B 240 18.22 22.93 9.78
N HIS B 241 19.51 22.74 9.57
CA HIS B 241 20.43 22.75 10.73
C HIS B 241 21.81 23.17 10.25
N PRO B 242 22.59 23.87 11.06
CA PRO B 242 23.92 24.29 10.68
C PRO B 242 24.81 23.12 10.29
N ASN B 243 24.70 22.00 10.98
CA ASN B 243 25.45 20.79 10.76
C ASN B 243 24.54 19.57 10.91
N PRO B 244 23.75 19.25 9.90
CA PRO B 244 22.79 18.17 9.97
C PRO B 244 23.30 16.88 10.54
N ASN B 245 24.55 16.51 10.26
CA ASN B 245 25.14 15.29 10.78
C ASN B 245 25.41 15.31 12.28
N GLN B 246 25.45 16.45 12.93
CA GLN B 246 25.70 16.49 14.36
C GLN B 246 24.45 16.80 15.17
N ALA B 247 23.33 17.03 14.50
CA ALA B 247 22.10 17.33 15.24
C ALA B 247 21.94 16.31 16.36
N LYS B 248 21.49 16.78 17.53
CA LYS B 248 21.27 15.91 18.67
C LYS B 248 20.20 14.89 18.31
N CYS B 249 19.17 15.38 17.61
CA CYS B 249 18.11 14.52 17.11
C CYS B 249 18.37 14.19 15.65
N ASP B 250 18.20 12.91 15.34
CA ASP B 250 18.42 12.38 14.00
C ASP B 250 17.63 13.22 13.01
N GLY B 251 18.31 13.84 12.07
CA GLY B 251 17.67 14.67 11.03
C GLY B 251 18.41 14.32 9.73
N PRO B 252 18.08 13.14 9.20
CA PRO B 252 18.68 12.62 8.00
C PRO B 252 18.32 13.48 6.79
N SER B 253 17.17 14.14 6.92
CA SER B 253 16.63 14.99 5.88
C SER B 253 16.68 16.48 6.18
N ALA B 254 17.35 16.91 7.25
CA ALA B 254 17.45 18.34 7.50
C ALA B 254 18.31 18.99 6.41
N LEU B 255 17.90 20.16 5.96
CA LEU B 255 18.69 20.88 4.97
C LEU B 255 19.84 21.63 5.62
N PRO B 256 21.01 21.60 5.01
CA PRO B 256 22.14 22.37 5.51
C PRO B 256 21.71 23.83 5.49
N LEU B 257 21.97 24.60 6.53
CA LEU B 257 21.57 25.99 6.66
C LEU B 257 22.07 26.88 5.53
N SER B 258 23.26 26.56 5.00
CA SER B 258 23.84 27.28 3.88
C SER B 258 23.08 27.12 2.57
N ALA B 259 22.25 26.09 2.42
CA ALA B 259 21.47 25.92 1.20
C ALA B 259 20.16 26.68 1.21
N LEU B 260 19.77 27.32 2.32
CA LEU B 260 18.50 27.99 2.42
C LEU B 260 18.18 29.04 1.38
N GLU B 261 19.12 29.95 1.08
CA GLU B 261 18.76 31.02 0.14
C GLU B 261 18.45 30.46 -1.25
N GLY B 262 19.23 29.52 -1.72
CA GLY B 262 19.04 28.90 -3.04
C GLY B 262 17.73 28.11 -3.06
N PHE B 263 17.48 27.42 -1.94
CA PHE B 263 16.23 26.65 -1.83
C PHE B 263 15.00 27.54 -1.85
N VAL B 264 14.96 28.57 -1.00
CA VAL B 264 13.79 29.45 -0.93
C VAL B 264 13.62 30.23 -2.23
N SER B 265 14.75 30.53 -2.89
CA SER B 265 14.71 31.29 -4.15
C SER B 265 13.96 30.46 -5.20
N GLN B 266 14.26 29.17 -5.27
CA GLN B 266 13.55 28.30 -6.22
C GLN B 266 12.05 28.21 -5.88
N LYS B 268 10.12 30.38 -4.20
CA LYS B 268 9.36 31.58 -4.53
C LYS B 268 9.11 31.72 -6.01
N ALA B 269 10.09 31.29 -6.84
CA ALA B 269 9.95 31.41 -8.29
C ALA B 269 8.86 30.47 -8.82
N ILE B 270 8.86 29.25 -8.33
CA ILE B 270 7.87 28.24 -8.70
C ILE B 270 6.49 28.66 -8.22
N ASP B 271 6.40 29.04 -6.94
CA ASP B 271 5.12 29.43 -6.37
C ASP B 271 4.51 30.61 -7.08
N ASP B 272 5.33 31.67 -7.24
CA ASP B 272 4.86 32.84 -7.97
C ASP B 272 4.32 32.48 -9.36
N LEU B 273 5.03 31.64 -10.09
CA LEU B 273 4.59 31.25 -11.45
C LEU B 273 3.23 30.57 -11.42
N VAL B 274 3.14 29.54 -10.56
CA VAL B 274 1.92 28.77 -10.43
C VAL B 274 0.73 29.60 -10.02
N LYS B 275 0.94 30.52 -9.05
CA LYS B 275 -0.11 31.36 -8.55
C LYS B 275 -0.54 32.39 -9.59
N SER B 276 0.25 32.66 -10.60
CA SER B 276 -0.04 33.59 -11.69
C SER B 276 -0.93 33.01 -12.78
N PHE B 277 -0.97 31.69 -12.89
CA PHE B 277 -1.74 31.03 -13.94
C PHE B 277 -3.24 31.21 -13.75
N PRO B 278 -3.94 31.60 -14.82
CA PRO B 278 -5.40 31.64 -14.75
C PRO B 278 -5.87 30.20 -14.58
N GLU B 279 -6.91 29.95 -13.81
CA GLU B 279 -7.40 28.59 -13.61
C GLU B 279 -7.84 27.95 -14.92
N LEU B 280 -7.38 26.72 -15.16
CA LEU B 280 -7.76 25.99 -16.38
C LEU B 280 -8.83 24.96 -16.03
N ASP B 281 -10.08 25.26 -16.34
CA ASP B 281 -11.16 24.30 -16.03
C ASP B 281 -11.15 23.21 -17.10
N THR B 282 -10.98 21.97 -16.66
CA THR B 282 -10.91 20.84 -17.57
C THR B 282 -12.02 19.81 -17.31
N GLN C 2 -24.30 -20.21 -4.51
CA GLN C 2 -23.53 -21.21 -3.79
C GLN C 2 -22.19 -21.47 -4.48
N ASN C 3 -21.58 -22.62 -4.26
CA ASN C 3 -20.31 -22.95 -4.86
C ASN C 3 -20.40 -23.77 -6.13
N LYS C 4 -19.61 -23.34 -7.12
CA LYS C 4 -19.56 -24.04 -8.40
C LYS C 4 -18.59 -25.22 -8.26
N ILE C 5 -18.91 -26.32 -8.94
CA ILE C 5 -18.03 -27.48 -8.95
C ILE C 5 -17.35 -27.58 -10.32
N VAL C 6 -16.03 -27.54 -10.31
CA VAL C 6 -15.27 -27.65 -11.57
C VAL C 6 -14.60 -29.00 -11.60
N LYS C 7 -14.88 -29.74 -12.70
CA LYS C 7 -14.35 -31.07 -12.81
C LYS C 7 -13.04 -31.17 -13.58
N ILE C 8 -12.14 -31.92 -12.98
CA ILE C 8 -10.85 -32.25 -13.61
C ILE C 8 -10.83 -33.80 -13.69
N GLY C 9 -11.47 -34.31 -14.74
CA GLY C 9 -11.60 -35.78 -14.85
C GLY C 9 -12.46 -36.24 -13.68
N ASN C 10 -11.93 -37.08 -12.81
CA ASN C 10 -12.68 -37.58 -11.65
C ASN C 10 -12.40 -36.76 -10.39
N ILE C 11 -11.72 -35.61 -10.55
CA ILE C 11 -11.47 -34.76 -9.37
C ILE C 11 -12.50 -33.64 -9.35
N ASP C 12 -13.12 -33.41 -8.21
CA ASP C 12 -14.11 -32.32 -8.14
C ASP C 12 -13.47 -31.17 -7.36
N VAL C 13 -13.42 -29.99 -7.95
CA VAL C 13 -12.80 -28.85 -7.25
C VAL C 13 -13.90 -27.87 -6.86
N ALA C 14 -14.00 -27.54 -5.58
CA ALA C 14 -15.05 -26.62 -5.12
C ALA C 14 -14.66 -26.06 -3.75
N ASN C 15 -15.18 -24.88 -3.42
CA ASN C 15 -14.87 -24.23 -2.18
C ASN C 15 -15.33 -25.00 -0.93
N ASP C 16 -16.31 -25.90 -1.05
CA ASP C 16 -16.74 -26.67 0.11
C ASP C 16 -16.42 -28.15 0.01
N LYS C 17 -15.50 -28.52 -0.86
CA LYS C 17 -15.07 -29.92 -1.02
C LYS C 17 -13.66 -30.08 -0.52
N PRO C 18 -13.20 -31.28 -0.22
CA PRO C 18 -11.83 -31.52 0.21
C PRO C 18 -10.87 -30.77 -0.72
N PHE C 19 -9.90 -30.07 -0.17
CA PHE C 19 -9.00 -29.28 -0.99
C PHE C 19 -8.21 -30.16 -1.98
N VAL C 20 -7.91 -29.55 -3.12
CA VAL C 20 -7.08 -30.24 -4.15
C VAL C 20 -5.68 -29.68 -4.10
N LEU C 21 -4.67 -30.52 -4.15
CA LEU C 21 -3.29 -30.11 -4.15
C LEU C 21 -2.79 -29.99 -5.59
N PHE C 22 -2.53 -28.75 -6.01
CA PHE C 22 -1.97 -28.46 -7.33
C PHE C 22 -0.48 -28.28 -7.02
N GLY C 23 0.21 -29.44 -7.02
CA GLY C 23 1.56 -29.46 -6.59
C GLY C 23 2.55 -29.89 -7.66
N GLY C 24 3.71 -29.27 -7.58
CA GLY C 24 4.74 -29.63 -8.57
C GLY C 24 6.03 -28.86 -8.33
N ASN C 26 8.61 -25.48 -10.17
CA ASN C 26 8.52 -24.25 -10.97
C ASN C 26 8.56 -24.54 -12.45
N VAL C 27 9.66 -25.18 -12.90
CA VAL C 27 9.84 -25.45 -14.31
C VAL C 27 10.29 -26.91 -14.51
N LEU C 28 10.07 -27.43 -15.71
CA LEU C 28 10.51 -28.79 -16.03
C LEU C 28 12.00 -28.79 -16.31
N GLU C 29 12.83 -28.75 -15.26
CA GLU C 29 14.27 -28.69 -15.37
C GLU C 29 14.84 -29.80 -16.25
N SER C 30 14.29 -30.98 -16.13
CA SER C 30 14.70 -32.14 -16.92
C SER C 30 13.61 -33.19 -16.87
N ARG C 31 13.65 -34.19 -17.76
CA ARG C 31 12.61 -35.24 -17.65
C ARG C 31 12.82 -36.01 -16.34
N ASP C 32 14.08 -36.25 -16.00
CA ASP C 32 14.42 -37.03 -14.81
C ASP C 32 13.85 -36.38 -13.54
N ALA C 34 11.42 -34.20 -13.35
CA ALA C 34 9.97 -34.18 -13.45
C ALA C 34 9.42 -35.50 -12.94
N GLN C 36 10.93 -37.60 -10.88
CA GLN C 36 11.22 -37.71 -9.46
C GLN C 36 10.18 -36.93 -8.63
N VAL C 37 10.01 -35.66 -9.06
CA VAL C 37 9.05 -34.81 -8.32
C VAL C 37 7.66 -35.33 -8.39
N CYS C 38 7.16 -35.76 -9.57
CA CYS C 38 5.83 -36.25 -9.71
C CYS C 38 5.62 -37.51 -8.87
N GLU C 39 6.60 -38.42 -8.91
CA GLU C 39 6.51 -39.65 -8.13
C GLU C 39 6.36 -39.35 -6.63
N ALA C 40 7.08 -38.36 -6.13
CA ALA C 40 7.01 -38.04 -4.70
C ALA C 40 5.65 -37.52 -4.31
N TYR C 41 5.09 -36.60 -5.13
CA TYR C 41 3.76 -36.08 -4.82
C TYR C 41 2.70 -37.17 -4.95
N VAL C 42 2.85 -38.02 -5.99
CA VAL C 42 1.89 -39.11 -6.15
C VAL C 42 1.89 -40.03 -4.92
N LYS C 43 3.03 -40.38 -4.38
CA LYS C 43 3.15 -41.28 -3.23
C LYS C 43 2.47 -40.68 -2.00
N VAL C 44 2.74 -39.39 -1.79
CA VAL C 44 2.16 -38.71 -0.63
C VAL C 44 0.66 -38.55 -0.74
N THR C 45 0.17 -38.07 -1.87
CA THR C 45 -1.25 -37.80 -2.07
C THR C 45 -2.07 -39.08 -2.14
N GLU C 46 -1.46 -40.12 -2.68
CA GLU C 46 -2.17 -41.40 -2.75
C GLU C 46 -2.38 -41.96 -1.33
N LYS C 47 -1.33 -41.89 -0.54
CA LYS C 47 -1.33 -42.40 0.81
C LYS C 47 -2.34 -41.66 1.70
N LEU C 48 -2.33 -40.32 1.60
CA LEU C 48 -3.24 -39.53 2.41
C LEU C 48 -4.63 -39.41 1.86
N GLY C 49 -4.88 -39.66 0.60
CA GLY C 49 -6.21 -39.54 0.02
C GLY C 49 -6.52 -38.07 -0.35
N VAL C 50 -5.53 -37.40 -0.93
CA VAL C 50 -5.75 -35.98 -1.33
C VAL C 50 -5.78 -35.87 -2.85
N PRO C 51 -6.80 -35.26 -3.42
CA PRO C 51 -6.88 -35.08 -4.87
C PRO C 51 -5.63 -34.35 -5.33
N TYR C 52 -5.05 -34.74 -6.48
CA TYR C 52 -3.80 -34.17 -6.90
C TYR C 52 -3.71 -33.82 -8.38
N VAL C 53 -3.10 -32.68 -8.65
CA VAL C 53 -2.84 -32.24 -10.04
C VAL C 53 -1.37 -31.83 -10.07
N PHE C 54 -0.57 -32.35 -10.98
CA PHE C 54 0.84 -32.07 -11.09
C PHE C 54 1.02 -30.73 -11.88
N LYS C 55 1.83 -29.87 -11.33
CA LYS C 55 2.09 -28.57 -11.98
C LYS C 55 3.54 -28.36 -12.30
N ALA C 56 3.76 -27.83 -13.54
CA ALA C 56 5.11 -27.38 -13.86
C ALA C 56 4.97 -26.47 -15.10
N SER C 57 5.92 -25.57 -15.24
CA SER C 57 5.93 -24.74 -16.47
C SER C 57 6.86 -25.39 -17.52
N PHE C 58 6.55 -25.20 -18.81
CA PHE C 58 7.47 -25.68 -19.84
C PHE C 58 8.32 -24.51 -20.34
N ASP C 59 7.89 -23.28 -20.04
CA ASP C 59 8.68 -22.12 -20.47
C ASP C 59 8.56 -21.02 -19.41
N LYS C 60 9.63 -20.29 -19.23
CA LYS C 60 9.66 -19.17 -18.28
C LYS C 60 9.72 -17.92 -19.16
N ALA C 61 8.58 -17.24 -19.32
CA ALA C 61 8.55 -16.14 -20.30
C ALA C 61 8.97 -14.79 -19.80
N ASN C 62 9.47 -14.68 -18.57
CA ASN C 62 9.87 -13.41 -18.01
C ASN C 62 11.22 -13.44 -17.31
N ARG C 63 12.14 -14.24 -17.82
CA ARG C 63 13.50 -14.31 -17.25
C ARG C 63 14.21 -12.98 -17.48
N SER C 64 15.25 -12.70 -16.68
CA SER C 64 15.90 -11.40 -16.71
C SER C 64 16.73 -11.12 -17.94
N SER C 65 17.16 -12.13 -18.69
CA SER C 65 17.96 -11.93 -19.88
C SER C 65 17.41 -12.79 -21.01
N ILE C 66 17.74 -12.44 -22.26
CA ILE C 66 17.38 -13.25 -23.40
C ILE C 66 18.19 -14.56 -23.37
N HIS C 67 19.29 -14.58 -22.65
CA HIS C 67 20.19 -15.69 -22.49
C HIS C 67 19.95 -16.54 -21.24
N SER C 68 18.95 -16.25 -20.42
CA SER C 68 18.66 -17.00 -19.21
C SER C 68 18.00 -18.35 -19.50
N TYR C 69 18.24 -19.33 -18.64
CA TYR C 69 17.60 -20.63 -18.76
C TYR C 69 16.09 -20.39 -18.62
N ARG C 70 15.28 -21.00 -19.47
CA ARG C 70 13.84 -20.72 -19.39
C ARG C 70 12.98 -21.94 -19.57
N GLY C 71 13.59 -23.12 -19.44
CA GLY C 71 12.76 -24.34 -19.57
C GLY C 71 13.03 -24.98 -20.91
N PRO C 72 12.43 -26.15 -21.11
CA PRO C 72 12.64 -26.94 -22.31
C PRO C 72 11.85 -26.53 -23.52
N GLY C 73 10.88 -25.63 -23.36
CA GLY C 73 10.03 -25.25 -24.49
C GLY C 73 8.82 -26.15 -24.58
N GLU C 75 7.46 -28.16 -27.13
CA GLU C 75 7.54 -29.52 -27.68
C GLU C 75 8.10 -30.51 -26.67
N GLU C 76 9.27 -30.23 -26.13
CA GLU C 76 9.88 -31.17 -25.16
C GLU C 76 9.05 -31.24 -23.88
N GLY C 77 8.51 -30.10 -23.44
CA GLY C 77 7.68 -30.07 -22.24
C GLY C 77 6.46 -30.96 -22.35
N LEU C 78 5.78 -30.96 -23.50
CA LEU C 78 4.60 -31.79 -23.70
C LEU C 78 4.96 -33.28 -23.74
N LYS C 79 6.16 -33.57 -24.24
CA LYS C 79 6.61 -34.98 -24.25
C LYS C 79 6.77 -35.45 -22.80
N ILE C 80 7.35 -34.59 -21.94
CA ILE C 80 7.53 -34.93 -20.54
C ILE C 80 6.19 -35.14 -19.85
N PHE C 81 5.25 -34.20 -20.06
CA PHE C 81 3.92 -34.31 -19.51
C PHE C 81 3.24 -35.62 -19.92
N GLN C 82 3.39 -35.98 -21.22
CA GLN C 82 2.77 -37.20 -21.69
C GLN C 82 3.36 -38.43 -20.98
N GLU C 83 4.66 -38.36 -20.71
CA GLU C 83 5.24 -39.53 -19.98
C GLU C 83 4.71 -39.62 -18.57
N LEU C 84 4.53 -38.45 -17.90
CA LEU C 84 3.98 -38.49 -16.54
C LEU C 84 2.58 -39.07 -16.57
N LYS C 85 1.76 -38.66 -17.56
CA LYS C 85 0.41 -39.20 -17.67
C LYS C 85 0.44 -40.72 -17.92
N ASP C 86 1.28 -41.13 -18.86
CA ASP C 86 1.36 -42.57 -19.17
C ASP C 86 1.85 -43.38 -17.98
N THR C 87 2.78 -42.89 -17.19
CA THR C 87 3.40 -43.55 -16.06
C THR C 87 2.61 -43.52 -14.76
N PHE C 88 2.15 -42.32 -14.36
CA PHE C 88 1.46 -42.16 -13.10
C PHE C 88 -0.03 -41.91 -13.19
N GLY C 89 -0.57 -41.64 -14.36
CA GLY C 89 -1.98 -41.35 -14.58
C GLY C 89 -2.39 -40.01 -13.93
N VAL C 90 -1.43 -39.12 -13.79
CA VAL C 90 -1.68 -37.85 -13.13
C VAL C 90 -2.42 -36.85 -14.02
N LYS C 91 -3.17 -35.96 -13.37
CA LYS C 91 -3.82 -34.84 -14.05
C LYS C 91 -2.73 -33.73 -14.09
N ILE C 92 -2.77 -32.86 -15.10
CA ILE C 92 -1.69 -31.89 -15.23
C ILE C 92 -2.18 -30.46 -15.47
N ILE C 93 -1.49 -29.52 -14.85
CA ILE C 93 -1.72 -28.09 -15.09
C ILE C 93 -0.42 -27.45 -15.53
N THR C 94 -0.48 -26.56 -16.54
CA THR C 94 0.69 -25.80 -16.95
C THR C 94 0.24 -24.44 -17.46
N ASP C 95 1.17 -23.49 -17.52
CA ASP C 95 0.79 -22.15 -18.01
C ASP C 95 1.14 -21.97 -19.48
N VAL C 96 0.36 -21.11 -20.13
CA VAL C 96 0.55 -20.80 -21.55
C VAL C 96 0.75 -19.29 -21.67
N HIS C 97 1.65 -18.88 -22.57
CA HIS C 97 2.00 -17.47 -22.71
C HIS C 97 1.68 -16.89 -24.08
N GLU C 98 1.45 -17.74 -25.07
CA GLU C 98 1.21 -17.22 -26.43
C GLU C 98 -0.04 -17.87 -27.00
N ILE C 99 -0.78 -17.13 -27.83
CA ILE C 99 -2.02 -17.66 -28.39
C ILE C 99 -1.89 -19.01 -29.05
N TYR C 100 -0.84 -19.20 -29.84
CA TYR C 100 -0.66 -20.45 -30.59
C TYR C 100 -0.49 -21.68 -29.74
N GLN C 101 0.02 -21.52 -28.52
CA GLN C 101 0.23 -22.66 -27.65
C GLN C 101 -1.03 -23.28 -27.10
N CYS C 102 -2.14 -22.54 -27.03
CA CYS C 102 -3.35 -23.00 -26.38
C CYS C 102 -3.84 -24.35 -26.89
N GLN C 103 -4.01 -24.51 -28.20
CA GLN C 103 -4.53 -25.78 -28.72
C GLN C 103 -3.65 -26.96 -28.45
N PRO C 104 -2.40 -26.96 -28.88
CA PRO C 104 -1.51 -28.08 -28.65
C PRO C 104 -1.37 -28.44 -27.17
N VAL C 105 -1.30 -27.44 -26.31
CA VAL C 105 -1.15 -27.69 -24.87
C VAL C 105 -2.40 -28.27 -24.28
N ALA C 106 -3.58 -27.76 -24.63
CA ALA C 106 -4.84 -28.28 -24.09
C ALA C 106 -5.09 -29.72 -24.51
N ASP C 107 -4.48 -30.16 -25.62
CA ASP C 107 -4.64 -31.55 -26.04
C ASP C 107 -3.89 -32.50 -25.11
N VAL C 108 -2.90 -32.04 -24.35
CA VAL C 108 -2.11 -32.87 -23.47
C VAL C 108 -2.44 -32.72 -22.00
N VAL C 109 -2.55 -31.47 -21.52
CA VAL C 109 -2.82 -31.28 -20.08
C VAL C 109 -4.29 -31.16 -19.78
N ASP C 110 -4.66 -31.07 -18.49
CA ASP C 110 -6.04 -30.98 -18.06
C ASP C 110 -6.46 -29.54 -17.78
N ILE C 111 -5.51 -28.77 -17.24
CA ILE C 111 -5.82 -27.37 -16.93
C ILE C 111 -4.77 -26.46 -17.56
N ILE C 112 -5.21 -25.35 -18.12
CA ILE C 112 -4.27 -24.37 -18.67
C ILE C 112 -4.34 -23.12 -17.78
N GLN C 113 -3.19 -22.59 -17.41
CA GLN C 113 -3.15 -21.44 -16.52
C GLN C 113 -2.86 -20.16 -17.27
N LEU C 114 -3.66 -19.15 -16.93
CA LEU C 114 -3.47 -17.81 -17.51
C LEU C 114 -2.52 -17.05 -16.57
N PRO C 115 -1.33 -16.74 -17.01
CA PRO C 115 -0.34 -16.04 -16.20
C PRO C 115 -0.91 -14.73 -15.71
N ALA C 116 -0.55 -14.34 -14.49
CA ALA C 116 -1.04 -13.10 -13.89
C ALA C 116 -0.72 -11.87 -14.73
N PHE C 117 0.49 -11.79 -15.29
CA PHE C 117 0.78 -10.59 -16.10
C PHE C 117 -0.12 -10.51 -17.34
N LEU C 118 -0.58 -11.62 -17.87
CA LEU C 118 -1.42 -11.62 -19.07
C LEU C 118 -2.89 -11.75 -18.84
N ALA C 119 -3.34 -11.63 -17.59
CA ALA C 119 -4.72 -11.85 -17.20
C ALA C 119 -5.74 -10.98 -17.88
N ARG C 120 -5.34 -9.81 -18.42
CA ARG C 120 -6.28 -9.00 -19.15
C ARG C 120 -6.01 -8.98 -20.65
N GLN C 121 -5.13 -9.86 -21.16
CA GLN C 121 -4.90 -9.89 -22.61
C GLN C 121 -6.04 -10.62 -23.28
N THR C 122 -6.96 -9.85 -23.87
CA THR C 122 -8.15 -10.44 -24.46
C THR C 122 -7.99 -11.53 -25.46
N ASP C 123 -7.11 -11.42 -26.45
CA ASP C 123 -6.98 -12.50 -27.43
C ASP C 123 -6.49 -13.81 -26.85
N LEU C 124 -5.62 -13.74 -25.84
CA LEU C 124 -5.08 -14.93 -25.21
C LEU C 124 -6.19 -15.59 -24.39
N VAL C 125 -6.97 -14.76 -23.69
CA VAL C 125 -8.09 -15.29 -22.89
C VAL C 125 -9.08 -16.01 -23.77
N GLU C 126 -9.37 -15.46 -24.95
CA GLU C 126 -10.31 -16.07 -25.87
C GLU C 126 -9.78 -17.38 -26.46
N ALA C 127 -8.51 -17.38 -26.84
CA ALA C 127 -7.91 -18.60 -27.40
C ALA C 127 -7.94 -19.71 -26.36
N ALA C 129 -9.99 -20.06 -23.74
CA ALA C 129 -11.39 -20.46 -23.54
C ALA C 129 -11.92 -21.38 -24.63
N LYS C 130 -11.61 -21.10 -25.87
CA LYS C 130 -12.03 -21.88 -27.02
C LYS C 130 -11.54 -23.30 -27.03
N THR C 131 -10.42 -23.58 -26.32
CA THR C 131 -9.90 -24.93 -26.24
C THR C 131 -10.85 -25.84 -25.46
N GLY C 132 -11.65 -25.27 -24.55
CA GLY C 132 -12.55 -26.03 -23.70
C GLY C 132 -11.85 -26.61 -22.49
N ALA C 133 -10.58 -26.27 -22.26
CA ALA C 133 -9.89 -26.82 -21.10
C ALA C 133 -10.33 -26.06 -19.85
N VAL C 134 -10.02 -26.67 -18.72
CA VAL C 134 -10.28 -25.97 -17.44
C VAL C 134 -9.26 -24.84 -17.42
N ILE C 135 -9.65 -23.66 -16.95
CA ILE C 135 -8.75 -22.52 -16.90
C ILE C 135 -8.50 -22.06 -15.47
N ASN C 136 -7.24 -21.91 -15.11
CA ASN C 136 -6.80 -21.41 -13.82
C ASN C 136 -6.34 -19.94 -14.05
N VAL C 137 -7.06 -19.01 -13.47
CA VAL C 137 -6.74 -17.58 -13.59
C VAL C 137 -5.85 -17.15 -12.42
N LYS C 138 -4.64 -16.71 -12.70
CA LYS C 138 -3.71 -16.22 -11.67
C LYS C 138 -4.03 -14.76 -11.37
N LYS C 139 -4.48 -14.44 -10.16
CA LYS C 139 -4.83 -13.07 -9.84
C LYS C 139 -3.60 -12.18 -9.78
N PRO C 140 -3.55 -11.19 -10.67
CA PRO C 140 -2.40 -10.28 -10.68
C PRO C 140 -2.22 -9.64 -9.31
N GLN C 141 -0.99 -9.35 -8.88
CA GLN C 141 -0.74 -8.77 -7.56
C GLN C 141 -1.24 -7.33 -7.45
N PHE C 142 -1.66 -6.74 -8.55
CA PHE C 142 -2.17 -5.37 -8.56
C PHE C 142 -3.67 -5.31 -8.78
N LEU C 143 -4.36 -6.44 -8.87
CA LEU C 143 -5.80 -6.40 -9.13
C LEU C 143 -6.59 -6.62 -7.84
N SER C 144 -7.75 -5.99 -7.73
CA SER C 144 -8.58 -6.21 -6.52
C SER C 144 -9.33 -7.53 -6.68
N PRO C 145 -9.68 -8.19 -5.59
CA PRO C 145 -10.39 -9.47 -5.68
C PRO C 145 -11.73 -9.32 -6.37
N SER C 146 -12.41 -8.19 -6.23
CA SER C 146 -13.67 -7.97 -6.94
C SER C 146 -13.54 -8.03 -8.44
N GLN C 147 -12.40 -7.56 -8.95
CA GLN C 147 -12.15 -7.52 -10.39
C GLN C 147 -12.11 -8.88 -11.04
N GLY C 149 -14.31 -11.03 -10.86
CA GLY C 149 -15.63 -11.25 -11.47
C GLY C 149 -15.63 -10.82 -12.93
N ASN C 150 -14.94 -9.75 -13.29
CA ASN C 150 -14.85 -9.35 -14.69
C ASN C 150 -14.18 -10.39 -15.56
N ILE C 151 -13.06 -10.97 -15.09
CA ILE C 151 -12.36 -11.96 -15.89
C ILE C 151 -13.25 -13.17 -16.09
N VAL C 152 -13.97 -13.61 -15.04
CA VAL C 152 -14.88 -14.74 -15.18
C VAL C 152 -15.91 -14.46 -16.28
N GLU C 153 -16.51 -13.27 -16.26
CA GLU C 153 -17.50 -12.92 -17.29
C GLU C 153 -16.93 -12.93 -18.69
N LYS C 154 -15.70 -12.45 -18.83
CA LYS C 154 -15.03 -12.38 -20.13
C LYS C 154 -14.80 -13.78 -20.68
N ILE C 155 -14.34 -14.70 -19.83
CA ILE C 155 -14.14 -16.09 -20.24
C ILE C 155 -15.47 -16.78 -20.55
N GLU C 156 -16.48 -16.54 -19.73
CA GLU C 156 -17.80 -17.19 -19.95
C GLU C 156 -18.46 -16.71 -21.23
N GLU C 157 -18.13 -15.50 -21.66
CA GLU C 157 -18.63 -14.96 -22.93
C GLU C 157 -18.03 -15.73 -24.10
N CYS C 158 -16.92 -16.39 -23.88
CA CYS C 158 -16.29 -17.24 -24.87
C CYS C 158 -16.80 -18.68 -24.83
N GLY C 159 -17.80 -19.02 -24.04
CA GLY C 159 -18.39 -20.32 -23.96
C GLY C 159 -17.76 -21.35 -23.07
N ASN C 160 -16.89 -20.91 -22.16
CA ASN C 160 -16.22 -21.85 -21.26
C ASN C 160 -16.46 -21.39 -19.83
N ASP C 161 -17.08 -22.24 -18.99
CA ASP C 161 -17.32 -21.85 -17.61
C ASP C 161 -16.46 -22.62 -16.63
N LYS C 162 -15.50 -23.44 -17.07
CA LYS C 162 -14.67 -24.22 -16.15
C LYS C 162 -13.47 -23.39 -15.67
N ILE C 163 -13.74 -22.50 -14.73
CA ILE C 163 -12.77 -21.56 -14.21
C ILE C 163 -12.42 -21.69 -12.75
N ILE C 164 -11.13 -21.75 -12.47
CA ILE C 164 -10.62 -21.75 -11.09
C ILE C 164 -9.87 -20.43 -10.91
N LEU C 165 -9.96 -19.83 -9.72
CA LEU C 165 -9.25 -18.55 -9.50
C LEU C 165 -8.14 -18.78 -8.49
N CYS C 166 -6.97 -18.17 -8.68
CA CYS C 166 -5.83 -18.48 -7.85
C CYS C 166 -5.17 -17.24 -7.30
N ASP C 167 -5.23 -17.08 -5.98
CA ASP C 167 -4.60 -15.91 -5.36
C ASP C 167 -3.12 -16.17 -5.14
N ARG C 168 -2.26 -15.17 -5.37
CA ARG C 168 -0.84 -15.28 -5.08
C ARG C 168 -0.35 -14.03 -4.33
N GLY C 169 -1.23 -13.40 -3.58
CA GLY C 169 -0.89 -12.22 -2.80
C GLY C 169 -1.06 -10.93 -3.60
N THR C 170 -0.92 -9.82 -2.87
CA THR C 170 -1.14 -8.49 -3.48
C THR C 170 -0.02 -7.55 -3.09
N ASN C 171 0.41 -6.70 -4.06
CA ASN C 171 1.47 -5.77 -3.79
C ASN C 171 1.22 -4.94 -2.51
N PHE C 172 2.27 -4.79 -1.76
CA PHE C 172 2.28 -3.99 -0.53
C PHE C 172 3.57 -3.14 -0.50
N GLY C 173 3.47 -1.91 -1.03
CA GLY C 173 4.65 -1.05 -1.12
C GLY C 173 5.51 -1.56 -2.29
N TYR C 174 6.79 -1.20 -2.31
CA TYR C 174 7.65 -1.66 -3.39
C TYR C 174 8.27 -3.03 -3.06
N ASP C 175 8.36 -3.91 -4.00
CA ASP C 175 8.98 -5.22 -3.85
C ASP C 175 8.46 -6.05 -2.69
N ASN C 176 7.18 -5.98 -2.37
CA ASN C 176 6.71 -6.79 -1.21
C ASN C 176 5.28 -7.18 -1.44
N LEU C 177 4.86 -8.34 -0.91
CA LEU C 177 3.53 -8.85 -1.08
C LEU C 177 2.88 -9.20 0.27
N ILE C 178 1.59 -9.04 0.34
CA ILE C 178 0.81 -9.46 1.52
C ILE C 178 -0.35 -10.31 1.01
N VAL C 179 -0.72 -11.34 1.77
CA VAL C 179 -1.88 -12.13 1.34
C VAL C 179 -3.11 -11.64 2.11
N ASP C 180 -4.11 -11.18 1.37
CA ASP C 180 -5.35 -10.73 1.99
C ASP C 180 -6.27 -11.93 2.12
N LEU C 182 -9.04 -12.07 3.53
CA LEU C 182 -10.44 -11.71 3.31
C LEU C 182 -10.79 -11.65 1.84
N GLY C 183 -9.74 -11.64 0.96
CA GLY C 183 -10.04 -11.55 -0.45
C GLY C 183 -10.62 -12.85 -1.00
N PHE C 184 -10.36 -13.99 -0.34
CA PHE C 184 -10.93 -15.24 -0.87
C PHE C 184 -12.44 -15.16 -0.94
N SER C 185 -13.10 -14.74 0.15
CA SER C 185 -14.56 -14.60 0.16
C SER C 185 -15.04 -13.64 -0.92
N VAL C 186 -14.32 -12.53 -1.05
CA VAL C 186 -14.65 -11.54 -2.08
C VAL C 186 -14.59 -12.14 -3.46
N LYS C 188 -15.00 -15.29 -4.23
CA LYS C 188 -16.11 -16.25 -4.33
C LYS C 188 -17.41 -15.55 -4.71
N LYS C 189 -17.65 -14.41 -4.05
CA LYS C 189 -18.84 -13.61 -4.28
C LYS C 189 -18.85 -13.00 -5.68
N ALA C 190 -17.74 -12.38 -6.08
CA ALA C 190 -17.63 -11.75 -7.38
C ALA C 190 -17.78 -12.73 -8.54
N SER C 191 -17.35 -13.97 -8.36
CA SER C 191 -17.44 -14.99 -9.40
C SER C 191 -18.66 -15.87 -9.31
N LYS C 192 -19.61 -15.56 -8.43
CA LYS C 192 -20.80 -16.38 -8.23
C LYS C 192 -20.46 -17.81 -7.87
N GLY C 193 -19.45 -18.03 -7.03
CA GLY C 193 -19.05 -19.29 -6.52
C GLY C 193 -17.93 -20.06 -7.19
N SER C 194 -17.12 -19.43 -8.04
CA SER C 194 -16.00 -20.17 -8.65
C SER C 194 -15.03 -20.64 -7.58
N PRO C 195 -14.38 -21.79 -7.80
CA PRO C 195 -13.44 -22.34 -6.84
C PRO C 195 -12.24 -21.38 -6.70
N VAL C 196 -11.82 -21.15 -5.47
CA VAL C 196 -10.67 -20.30 -5.20
C VAL C 196 -9.54 -21.07 -4.56
N ILE C 197 -8.34 -20.96 -5.15
CA ILE C 197 -7.16 -21.66 -4.67
C ILE C 197 -6.06 -20.69 -4.28
N PHE C 198 -5.17 -21.13 -3.37
CA PHE C 198 -4.14 -20.23 -2.86
C PHE C 198 -2.76 -20.67 -3.29
N ASP C 199 -2.06 -19.83 -4.05
CA ASP C 199 -0.68 -20.16 -4.41
C ASP C 199 0.25 -19.69 -3.30
N VAL C 200 0.63 -20.58 -2.40
CA VAL C 200 1.42 -20.19 -1.24
C VAL C 200 2.85 -19.88 -1.57
N THR C 201 3.42 -20.68 -2.49
CA THR C 201 4.82 -20.44 -2.81
C THR C 201 5.05 -19.11 -3.48
N HIS C 202 4.19 -18.64 -4.35
CA HIS C 202 4.45 -17.34 -5.00
C HIS C 202 3.98 -16.16 -4.17
N SER C 203 3.33 -16.43 -3.05
CA SER C 203 2.87 -15.34 -2.18
C SER C 203 3.97 -15.01 -1.18
N LEU C 204 5.07 -15.76 -1.24
CA LEU C 204 6.21 -15.50 -0.36
C LEU C 204 7.23 -14.63 -1.11
N GLN C 205 6.80 -13.41 -1.37
CA GLN C 205 7.50 -12.37 -2.10
C GLN C 205 8.77 -12.89 -2.77
N ARG C 218 11.07 -21.92 2.23
CA ARG C 218 11.15 -20.99 3.36
C ARG C 218 10.43 -21.53 4.59
N ALA C 219 10.80 -21.00 5.75
CA ALA C 219 10.28 -21.39 7.03
C ALA C 219 8.83 -21.01 7.29
N GLN C 220 8.25 -20.11 6.51
CA GLN C 220 6.90 -19.64 6.69
C GLN C 220 5.90 -20.30 5.74
N VAL C 221 6.33 -21.12 4.78
CA VAL C 221 5.40 -21.75 3.84
C VAL C 221 4.31 -22.54 4.53
N THR C 222 4.67 -23.34 5.52
CA THR C 222 3.70 -24.16 6.24
C THR C 222 2.67 -23.33 6.99
N GLU C 223 3.09 -22.36 7.79
CA GLU C 223 2.11 -21.55 8.53
C GLU C 223 1.14 -20.85 7.59
N LEU C 224 1.70 -20.21 6.55
CA LEU C 224 0.90 -19.44 5.62
C LEU C 224 -0.08 -20.34 4.89
N ALA C 225 0.35 -21.55 4.54
CA ALA C 225 -0.54 -22.52 3.88
C ALA C 225 -1.70 -22.87 4.81
N ARG C 226 -1.39 -23.21 6.07
CA ARG C 226 -2.44 -23.51 7.04
C ARG C 226 -3.42 -22.33 7.16
N SER C 227 -2.87 -21.13 7.25
CA SER C 227 -3.74 -19.94 7.39
C SER C 227 -4.69 -19.80 6.23
N GLY C 228 -4.21 -20.09 5.00
CA GLY C 228 -5.04 -20.00 3.81
C GLY C 228 -6.13 -21.07 3.84
N LEU C 229 -5.70 -22.33 4.16
CA LEU C 229 -6.73 -23.38 4.17
C LEU C 229 -7.76 -23.19 5.28
N ALA C 230 -7.38 -22.55 6.37
CA ALA C 230 -8.32 -22.30 7.47
C ALA C 230 -9.46 -21.43 7.06
N VAL C 231 -9.24 -20.60 6.00
CA VAL C 231 -10.34 -19.78 5.51
C VAL C 231 -11.46 -20.63 4.93
N GLY C 232 -11.10 -21.72 4.26
CA GLY C 232 -12.14 -22.57 3.62
C GLY C 232 -12.09 -22.26 2.12
N ILE C 233 -11.20 -22.94 1.39
CA ILE C 233 -10.96 -22.74 -0.01
C ILE C 233 -10.89 -24.08 -0.78
N ALA C 234 -10.88 -23.99 -2.10
CA ALA C 234 -10.89 -25.22 -2.91
C ALA C 234 -9.56 -25.89 -3.12
N GLY C 235 -8.43 -25.25 -2.84
CA GLY C 235 -7.15 -25.85 -3.13
C GLY C 235 -5.93 -25.05 -2.79
N LEU C 236 -4.78 -25.73 -2.93
CA LEU C 236 -3.51 -25.10 -2.62
C LEU C 236 -2.56 -25.37 -3.80
N PHE C 237 -1.80 -24.38 -4.14
CA PHE C 237 -0.82 -24.49 -5.26
C PHE C 237 0.55 -24.46 -4.61
N LEU C 238 1.37 -25.48 -4.82
CA LEU C 238 2.66 -25.59 -4.18
C LEU C 238 3.78 -26.08 -5.09
N GLU C 239 4.97 -25.54 -4.88
CA GLU C 239 6.16 -25.95 -5.63
C GLU C 239 7.18 -26.48 -4.63
N ALA C 240 7.85 -27.56 -5.06
CA ALA C 240 8.86 -28.24 -4.29
C ALA C 240 10.02 -28.60 -5.24
N HIS C 241 11.12 -29.02 -4.68
CA HIS C 241 12.30 -29.36 -5.48
C HIS C 241 13.17 -30.30 -4.64
N PRO C 242 13.81 -31.26 -5.28
CA PRO C 242 14.69 -32.17 -4.54
C PRO C 242 15.70 -31.38 -3.75
N ASN C 243 16.39 -30.41 -4.34
CA ASN C 243 17.40 -29.57 -3.69
C ASN C 243 17.21 -28.09 -4.01
N PRO C 244 16.26 -27.42 -3.35
CA PRO C 244 15.85 -26.07 -3.59
C PRO C 244 16.88 -25.03 -3.94
N ASN C 245 18.03 -25.02 -3.29
CA ASN C 245 19.09 -24.06 -3.53
C ASN C 245 19.85 -24.31 -4.82
N GLN C 246 19.65 -25.46 -5.47
CA GLN C 246 20.32 -25.77 -6.72
C GLN C 246 19.33 -25.73 -7.89
N ALA C 247 18.12 -25.22 -7.65
CA ALA C 247 17.14 -25.13 -8.73
C ALA C 247 17.64 -24.18 -9.82
N LYS C 248 17.34 -24.49 -11.07
CA LYS C 248 17.78 -23.71 -12.21
C LYS C 248 17.23 -22.29 -12.24
N CYS C 249 16.00 -22.10 -11.81
CA CYS C 249 15.41 -20.75 -11.80
C CYS C 249 15.36 -20.24 -10.37
N ASP C 250 14.71 -19.11 -10.18
CA ASP C 250 14.63 -18.51 -8.85
C ASP C 250 13.44 -19.08 -8.08
N GLY C 251 13.74 -19.83 -7.02
CA GLY C 251 12.67 -20.39 -6.16
C GLY C 251 12.99 -19.96 -4.72
N PRO C 252 12.72 -18.71 -4.39
CA PRO C 252 12.99 -18.20 -3.04
C PRO C 252 12.34 -19.10 -2.00
N SER C 253 11.09 -19.50 -2.25
CA SER C 253 10.31 -20.28 -1.32
C SER C 253 10.01 -21.72 -1.66
N ALA C 254 10.77 -22.49 -2.43
CA ALA C 254 10.37 -23.88 -2.70
C ALA C 254 10.62 -24.84 -1.54
N LEU C 255 9.72 -25.78 -1.34
CA LEU C 255 9.76 -26.80 -0.32
C LEU C 255 10.59 -28.00 -0.73
N PRO C 256 11.44 -28.49 0.17
CA PRO C 256 12.24 -29.68 -0.12
C PRO C 256 11.29 -30.85 -0.32
N LEU C 257 11.59 -31.74 -1.27
CA LEU C 257 10.72 -32.90 -1.49
C LEU C 257 10.52 -33.67 -0.18
N SER C 258 11.58 -33.77 0.61
CA SER C 258 11.55 -34.49 1.88
C SER C 258 10.47 -33.97 2.84
N ALA C 259 10.14 -32.68 2.79
CA ALA C 259 9.11 -32.14 3.67
C ALA C 259 7.69 -32.36 3.18
N LEU C 260 7.47 -32.94 2.00
CA LEU C 260 6.13 -33.09 1.48
C LEU C 260 5.14 -33.85 2.31
N GLU C 261 5.48 -35.06 2.78
CA GLU C 261 4.54 -35.86 3.54
C GLU C 261 3.97 -35.09 4.75
N GLY C 262 4.85 -34.52 5.54
CA GLY C 262 4.50 -33.76 6.73
C GLY C 262 3.65 -32.53 6.39
N PHE C 263 4.04 -31.82 5.36
CA PHE C 263 3.27 -30.62 4.94
C PHE C 263 1.87 -31.00 4.56
N VAL C 264 1.71 -31.98 3.65
CA VAL C 264 0.42 -32.43 3.16
C VAL C 264 -0.41 -33.04 4.29
N SER C 265 0.26 -33.69 5.25
CA SER C 265 -0.52 -34.27 6.37
C SER C 265 -1.17 -33.12 7.15
N GLN C 266 -0.42 -32.04 7.38
CA GLN C 266 -1.04 -30.92 8.10
C GLN C 266 -2.20 -30.31 7.34
N LYS C 268 -4.19 -31.58 5.03
CA LYS C 268 -5.39 -32.39 5.06
C LYS C 268 -6.11 -32.33 6.40
N ALA C 269 -5.38 -32.35 7.50
CA ALA C 269 -6.05 -32.31 8.81
C ALA C 269 -6.80 -31.00 9.02
N ILE C 270 -6.14 -29.88 8.67
CA ILE C 270 -6.79 -28.57 8.85
C ILE C 270 -7.92 -28.39 7.88
N ASP C 271 -7.77 -28.82 6.63
CA ASP C 271 -8.86 -28.72 5.67
C ASP C 271 -10.04 -29.61 6.07
N ASP C 272 -9.75 -30.84 6.51
CA ASP C 272 -10.91 -31.69 6.91
C ASP C 272 -11.66 -31.05 8.07
N LEU C 273 -10.89 -30.52 9.03
CA LEU C 273 -11.49 -29.88 10.20
C LEU C 273 -12.39 -28.73 9.83
N VAL C 274 -11.83 -27.77 9.04
CA VAL C 274 -12.64 -26.63 8.63
C VAL C 274 -13.80 -26.96 7.75
N LYS C 275 -13.69 -27.95 6.86
CA LYS C 275 -14.78 -28.30 5.96
C LYS C 275 -15.93 -29.02 6.69
N SER C 276 -15.67 -29.46 7.90
CA SER C 276 -16.63 -30.16 8.73
C SER C 276 -17.37 -29.24 9.68
N PHE C 277 -16.86 -28.01 9.85
CA PHE C 277 -17.52 -27.08 10.75
C PHE C 277 -18.89 -26.72 10.21
N PRO C 278 -19.87 -26.74 11.11
CA PRO C 278 -21.21 -26.29 10.73
C PRO C 278 -21.05 -24.82 10.35
N GLU C 279 -21.80 -24.37 9.37
CA GLU C 279 -21.71 -22.97 8.94
C GLU C 279 -22.06 -22.06 10.11
N LEU C 280 -21.03 -21.50 10.77
CA LEU C 280 -21.22 -20.62 11.91
C LEU C 280 -22.11 -19.44 11.61
N ASP C 281 -22.19 -18.96 10.39
CA ASP C 281 -23.08 -17.88 9.98
C ASP C 281 -24.13 -17.59 11.03
N THR C 282 -25.02 -18.52 11.35
CA THR C 282 -26.01 -18.33 12.41
C THR C 282 -26.13 -19.60 13.25
N GLN D 2 12.76 -19.63 21.37
CA GLN D 2 12.11 -20.04 22.61
C GLN D 2 11.00 -19.06 22.99
N ASN D 3 9.80 -19.56 23.16
CA ASN D 3 8.63 -18.78 23.49
C ASN D 3 8.58 -18.34 24.95
N LYS D 4 8.35 -17.06 25.18
CA LYS D 4 8.25 -16.57 26.55
C LYS D 4 6.88 -16.93 27.12
N ILE D 5 6.83 -17.19 28.43
CA ILE D 5 5.55 -17.49 29.07
C ILE D 5 5.12 -16.30 29.92
N VAL D 6 3.98 -15.70 29.58
CA VAL D 6 3.49 -14.55 30.36
C VAL D 6 2.32 -15.04 31.20
N LYS D 7 2.48 -14.92 32.52
CA LYS D 7 1.44 -15.40 33.43
C LYS D 7 0.44 -14.33 33.83
N ILE D 8 -0.84 -14.67 33.71
CA ILE D 8 -1.94 -13.77 34.11
C ILE D 8 -2.69 -14.53 35.22
N GLY D 9 -2.19 -14.37 36.44
CA GLY D 9 -2.78 -15.19 37.54
C GLY D 9 -2.35 -16.64 37.22
N ASN D 10 -3.31 -17.54 37.14
CA ASN D 10 -3.05 -18.93 36.83
C ASN D 10 -3.14 -19.24 35.34
N ILE D 11 -3.22 -18.20 34.51
CA ILE D 11 -3.25 -18.40 33.07
C ILE D 11 -1.83 -18.25 32.54
N ASP D 12 -1.43 -19.15 31.68
CA ASP D 12 -0.10 -19.14 31.07
C ASP D 12 -0.32 -18.70 29.61
N VAL D 13 0.31 -17.61 29.21
CA VAL D 13 0.14 -17.14 27.83
C VAL D 13 1.45 -17.37 27.06
N ALA D 14 1.35 -18.08 25.95
CA ALA D 14 2.51 -18.36 25.11
C ALA D 14 2.10 -18.80 23.72
N ASN D 15 2.97 -18.56 22.73
CA ASN D 15 2.70 -18.93 21.36
C ASN D 15 2.46 -20.42 21.13
N ASP D 16 2.98 -21.29 21.98
CA ASP D 16 2.85 -22.72 21.84
C ASP D 16 1.97 -23.38 22.89
N LYS D 17 1.21 -22.58 23.63
CA LYS D 17 0.27 -23.12 24.63
C LYS D 17 -1.12 -22.86 24.10
N PRO D 18 -2.13 -23.53 24.59
CA PRO D 18 -3.51 -23.34 24.14
C PRO D 18 -3.83 -21.84 24.09
N PHE D 19 -4.61 -21.41 23.10
CA PHE D 19 -4.89 -19.99 22.97
C PHE D 19 -5.75 -19.43 24.11
N VAL D 20 -5.51 -18.13 24.35
CA VAL D 20 -6.26 -17.41 25.37
C VAL D 20 -7.21 -16.43 24.69
N LEU D 21 -8.45 -16.42 25.14
CA LEU D 21 -9.47 -15.57 24.61
C LEU D 21 -9.55 -14.28 25.47
N PHE D 22 -9.11 -13.20 24.83
CA PHE D 22 -9.17 -11.88 25.48
C PHE D 22 -10.45 -11.26 24.90
N GLY D 23 -11.58 -11.52 25.58
CA GLY D 23 -12.87 -11.25 25.02
C GLY D 23 -13.79 -10.38 25.85
N GLY D 24 -14.53 -9.52 25.15
CA GLY D 24 -15.44 -8.66 25.90
C GLY D 24 -16.28 -7.83 24.96
N ASN D 26 -16.70 -3.48 23.44
CA ASN D 26 -15.91 -2.30 23.13
C ASN D 26 -15.76 -1.41 24.36
N VAL D 27 -16.89 -0.97 24.91
CA VAL D 27 -16.83 -0.06 26.07
C VAL D 27 -17.81 -0.49 27.14
N LEU D 28 -17.56 -0.14 28.39
CA LEU D 28 -18.50 -0.48 29.48
C LEU D 28 -19.75 0.38 29.35
N GLU D 29 -20.69 0.00 28.52
CA GLU D 29 -21.90 0.75 28.25
C GLU D 29 -22.79 0.98 29.46
N SER D 30 -22.82 0.03 30.36
CA SER D 30 -23.59 0.11 31.59
C SER D 30 -23.10 -1.01 32.50
N ARG D 31 -23.41 -0.89 33.79
CA ARG D 31 -23.03 -1.95 34.71
C ARG D 31 -23.74 -3.25 34.33
N ASP D 32 -25.00 -3.18 33.95
CA ASP D 32 -25.82 -4.32 33.59
C ASP D 32 -25.37 -5.04 32.31
N ALA D 34 -22.34 -4.96 31.10
CA ALA D 34 -21.05 -5.52 31.42
C ALA D 34 -21.22 -6.90 32.09
N GLN D 36 -23.87 -8.92 31.93
CA GLN D 36 -24.46 -9.83 30.97
C GLN D 36 -23.40 -10.35 29.99
N VAL D 37 -22.60 -9.39 29.48
CA VAL D 37 -21.57 -9.79 28.51
C VAL D 37 -20.54 -10.68 29.18
N CYS D 38 -20.04 -10.33 30.34
CA CYS D 38 -19.05 -11.14 31.04
C CYS D 38 -19.61 -12.54 31.35
N GLU D 39 -20.85 -12.59 31.83
CA GLU D 39 -21.46 -13.88 32.17
C GLU D 39 -21.52 -14.79 30.95
N ALA D 40 -21.87 -14.22 29.78
CA ALA D 40 -21.97 -15.04 28.59
C ALA D 40 -20.63 -15.60 28.20
N TYR D 41 -19.57 -14.78 28.23
CA TYR D 41 -18.25 -15.26 27.88
C TYR D 41 -17.77 -16.28 28.91
N VAL D 42 -18.08 -16.05 30.19
CA VAL D 42 -17.63 -16.96 31.24
C VAL D 42 -18.27 -18.33 31.09
N LYS D 43 -19.50 -18.38 30.64
CA LYS D 43 -20.26 -19.61 30.44
C LYS D 43 -19.67 -20.43 29.29
N VAL D 44 -19.45 -19.73 28.18
CA VAL D 44 -18.83 -20.37 27.01
C VAL D 44 -17.44 -20.87 27.32
N THR D 45 -16.56 -20.07 27.91
CA THR D 45 -15.18 -20.47 28.14
C THR D 45 -14.97 -21.52 29.20
N GLU D 46 -15.79 -21.49 30.26
CA GLU D 46 -15.66 -22.53 31.29
C GLU D 46 -16.13 -23.87 30.70
N LYS D 47 -17.18 -23.83 29.90
CA LYS D 47 -17.74 -25.00 29.25
C LYS D 47 -16.74 -25.67 28.30
N LEU D 48 -16.14 -24.83 27.44
CA LEU D 48 -15.17 -25.34 26.49
C LEU D 48 -13.81 -25.55 27.08
N GLY D 49 -13.49 -24.90 28.20
CA GLY D 49 -12.18 -25.05 28.82
C GLY D 49 -11.13 -24.19 28.09
N VAL D 50 -11.49 -22.95 27.81
CA VAL D 50 -10.59 -21.98 27.17
C VAL D 50 -10.23 -20.88 28.19
N PRO D 51 -8.96 -20.61 28.36
CA PRO D 51 -8.48 -19.59 29.30
C PRO D 51 -9.09 -18.26 28.86
N TYR D 52 -9.57 -17.47 29.83
CA TYR D 52 -10.27 -16.25 29.48
C TYR D 52 -9.91 -15.00 30.27
N VAL D 53 -9.84 -13.89 29.53
CA VAL D 53 -9.60 -12.56 30.08
C VAL D 53 -10.69 -11.62 29.54
N PHE D 54 -11.48 -10.99 30.40
CA PHE D 54 -12.55 -10.10 30.01
C PHE D 54 -11.96 -8.73 29.58
N LYS D 55 -12.45 -8.22 28.45
CA LYS D 55 -11.97 -6.92 27.98
C LYS D 55 -13.08 -5.91 27.83
N ALA D 56 -12.78 -4.67 28.21
CA ALA D 56 -13.67 -3.55 28.03
C ALA D 56 -12.91 -2.23 28.28
N SER D 57 -13.21 -1.21 27.50
CA SER D 57 -12.65 0.12 27.72
C SER D 57 -13.56 0.93 28.66
N PHE D 58 -12.92 1.75 29.50
CA PHE D 58 -13.70 2.64 30.39
C PHE D 58 -13.76 4.02 29.75
N ASP D 59 -12.85 4.29 28.78
CA ASP D 59 -12.95 5.60 28.11
C ASP D 59 -12.64 5.44 26.62
N LYS D 60 -13.36 6.20 25.81
CA LYS D 60 -13.14 6.20 24.35
C LYS D 60 -12.48 7.55 24.04
N ALA D 61 -11.18 7.52 23.83
CA ALA D 61 -10.38 8.72 23.65
C ALA D 61 -10.46 9.41 22.30
N ASN D 62 -10.88 8.71 21.25
CA ASN D 62 -10.83 9.32 19.92
C ASN D 62 -12.14 9.30 19.17
N ARG D 63 -13.22 9.74 19.81
CA ARG D 63 -14.52 9.75 19.14
C ARG D 63 -14.63 10.96 18.23
N SER D 64 -15.63 11.00 17.37
CA SER D 64 -15.70 12.02 16.32
C SER D 64 -16.02 13.43 16.78
N SER D 65 -16.78 13.57 17.86
CA SER D 65 -17.15 14.86 18.38
C SER D 65 -16.76 14.97 19.84
N ILE D 66 -16.64 16.21 20.32
CA ILE D 66 -16.38 16.44 21.74
C ILE D 66 -17.62 16.04 22.55
N HIS D 67 -18.77 15.93 21.88
CA HIS D 67 -20.01 15.52 22.52
C HIS D 67 -20.28 14.03 22.46
N SER D 68 -19.49 13.24 21.75
CA SER D 68 -19.66 11.83 21.57
C SER D 68 -19.63 11.03 22.88
N TYR D 69 -20.32 9.91 22.87
CA TYR D 69 -20.34 9.03 24.04
C TYR D 69 -18.93 8.49 24.24
N ARG D 70 -18.40 8.64 25.44
CA ARG D 70 -17.04 8.23 25.73
C ARG D 70 -16.88 7.10 26.73
N GLY D 71 -17.98 6.57 27.23
CA GLY D 71 -17.82 5.53 28.26
C GLY D 71 -17.93 6.22 29.62
N PRO D 72 -17.93 5.40 30.66
CA PRO D 72 -18.13 5.84 32.01
C PRO D 72 -17.04 6.62 32.68
N GLY D 73 -15.80 6.54 32.25
CA GLY D 73 -14.68 7.23 32.87
C GLY D 73 -13.99 6.25 33.83
N GLU D 75 -13.01 6.25 37.23
CA GLU D 75 -13.55 5.88 38.54
C GLU D 75 -14.75 4.98 38.45
N GLU D 76 -15.74 5.29 37.61
CA GLU D 76 -16.91 4.42 37.46
C GLU D 76 -16.57 3.10 36.78
N GLY D 77 -15.65 3.12 35.82
CA GLY D 77 -15.25 1.89 35.12
C GLY D 77 -14.57 0.92 36.08
N LEU D 78 -13.68 1.42 36.92
CA LEU D 78 -13.01 0.56 37.90
C LEU D 78 -14.00 -0.03 38.88
N LYS D 79 -15.06 0.69 39.24
CA LYS D 79 -16.09 0.12 40.13
C LYS D 79 -16.74 -1.10 39.44
N ILE D 80 -17.05 -0.96 38.15
CA ILE D 80 -17.66 -2.03 37.38
C ILE D 80 -16.67 -3.19 37.27
N PHE D 81 -15.40 -2.92 37.01
CA PHE D 81 -14.41 -4.01 36.96
C PHE D 81 -14.34 -4.76 38.29
N GLN D 82 -14.35 -4.01 39.40
CA GLN D 82 -14.30 -4.69 40.72
C GLN D 82 -15.52 -5.56 40.92
N GLU D 83 -16.68 -5.16 40.44
CA GLU D 83 -17.88 -5.97 40.53
C GLU D 83 -17.75 -7.24 39.71
N LEU D 84 -17.17 -7.14 38.50
CA LEU D 84 -16.98 -8.35 37.69
C LEU D 84 -15.99 -9.30 38.37
N LYS D 85 -14.96 -8.79 39.03
CA LYS D 85 -13.97 -9.65 39.66
C LYS D 85 -14.66 -10.40 40.83
N ASP D 86 -15.38 -9.62 41.63
CA ASP D 86 -16.08 -10.20 42.77
C ASP D 86 -17.10 -11.23 42.33
N THR D 87 -17.91 -10.94 41.33
CA THR D 87 -18.97 -11.79 40.86
C THR D 87 -18.54 -13.04 40.11
N PHE D 88 -17.70 -12.86 39.10
CA PHE D 88 -17.27 -13.99 38.26
C PHE D 88 -15.85 -14.45 38.47
N GLY D 89 -15.00 -13.69 39.15
CA GLY D 89 -13.61 -14.04 39.39
C GLY D 89 -12.74 -13.91 38.15
N VAL D 90 -13.21 -13.16 37.15
CA VAL D 90 -12.49 -13.03 35.90
C VAL D 90 -11.24 -12.17 35.97
N LYS D 91 -10.34 -12.44 35.00
CA LYS D 91 -9.13 -11.63 34.86
C LYS D 91 -9.57 -10.50 33.91
N ILE D 92 -8.99 -9.31 34.03
CA ILE D 92 -9.50 -8.19 33.21
C ILE D 92 -8.39 -7.48 32.46
N ILE D 93 -8.68 -7.08 31.22
CA ILE D 93 -7.80 -6.25 30.41
C ILE D 93 -8.52 -4.96 30.03
N THR D 94 -7.81 -3.82 30.14
CA THR D 94 -8.40 -2.56 29.70
C THR D 94 -7.32 -1.62 29.19
N ASP D 95 -7.72 -0.59 28.45
CA ASP D 95 -6.71 0.30 27.87
C ASP D 95 -6.60 1.59 28.67
N VAL D 96 -5.44 2.22 28.60
CA VAL D 96 -5.24 3.48 29.35
C VAL D 96 -4.75 4.55 28.37
N HIS D 97 -5.22 5.79 28.53
CA HIS D 97 -4.90 6.84 27.58
C HIS D 97 -4.13 8.01 28.18
N GLU D 98 -4.13 8.09 29.51
CA GLU D 98 -3.42 9.19 30.16
C GLU D 98 -2.42 8.62 31.14
N ILE D 99 -1.29 9.29 31.31
CA ILE D 99 -0.24 8.89 32.22
C ILE D 99 -0.73 8.68 33.67
N TYR D 100 -1.58 9.55 34.17
CA TYR D 100 -2.05 9.44 35.56
C TYR D 100 -2.94 8.25 35.82
N GLN D 101 -3.51 7.65 34.76
CA GLN D 101 -4.37 6.49 34.96
C GLN D 101 -3.63 5.18 35.13
N CYS D 102 -2.35 5.09 34.77
CA CYS D 102 -1.69 3.80 34.76
C CYS D 102 -1.74 3.09 36.10
N GLN D 103 -1.27 3.76 37.15
CA GLN D 103 -1.25 3.09 38.44
C GLN D 103 -2.60 2.70 38.98
N PRO D 104 -3.56 3.62 39.10
CA PRO D 104 -4.87 3.28 39.64
C PRO D 104 -5.53 2.15 38.86
N VAL D 105 -5.41 2.15 37.52
CA VAL D 105 -5.97 1.09 36.72
C VAL D 105 -5.20 -0.22 36.97
N ALA D 106 -3.89 -0.18 37.06
CA ALA D 106 -3.10 -1.40 37.29
C ALA D 106 -3.39 -2.02 38.64
N ASP D 107 -3.76 -1.19 39.63
CA ASP D 107 -4.13 -1.75 40.94
C ASP D 107 -5.39 -2.56 40.89
N VAL D 108 -6.21 -2.44 39.85
CA VAL D 108 -7.46 -3.16 39.70
C VAL D 108 -7.47 -4.25 38.63
N VAL D 109 -6.91 -3.95 37.46
CA VAL D 109 -6.98 -4.98 36.38
C VAL D 109 -5.73 -5.83 36.32
N ASP D 110 -5.75 -6.86 35.45
CA ASP D 110 -4.61 -7.77 35.34
C ASP D 110 -3.65 -7.37 34.23
N ILE D 111 -4.18 -6.80 33.15
CA ILE D 111 -3.38 -6.38 32.01
C ILE D 111 -3.75 -4.95 31.63
N ILE D 112 -2.77 -4.11 31.34
CA ILE D 112 -3.10 -2.78 30.81
C ILE D 112 -2.69 -2.73 29.34
N GLN D 113 -3.56 -2.16 28.53
CA GLN D 113 -3.31 -2.05 27.11
C GLN D 113 -2.86 -0.66 26.69
N LEU D 114 -1.84 -0.65 25.83
CA LEU D 114 -1.26 0.56 25.27
C LEU D 114 -1.90 0.77 23.89
N PRO D 115 -2.74 1.76 23.76
CA PRO D 115 -3.47 2.01 22.53
C PRO D 115 -2.48 2.17 21.37
N ALA D 116 -2.88 1.69 20.21
CA ALA D 116 -2.03 1.76 19.03
C ALA D 116 -1.58 3.20 18.74
N PHE D 117 -2.49 4.16 18.75
CA PHE D 117 -2.15 5.54 18.42
C PHE D 117 -1.10 6.12 19.37
N LEU D 118 -0.99 5.60 20.58
CA LEU D 118 -0.10 6.10 21.60
C LEU D 118 1.11 5.22 21.84
N ALA D 119 1.28 4.17 21.06
CA ALA D 119 2.34 3.20 21.20
C ALA D 119 3.74 3.73 21.35
N ARG D 120 4.05 4.88 20.77
CA ARG D 120 5.35 5.50 20.87
C ARG D 120 5.40 6.69 21.81
N GLN D 121 4.32 7.00 22.52
CA GLN D 121 4.36 8.15 23.46
C GLN D 121 5.19 7.73 24.67
N THR D 122 6.46 8.13 24.63
CA THR D 122 7.44 7.67 25.61
C THR D 122 7.04 7.81 27.06
N ASP D 123 6.46 8.92 27.49
CA ASP D 123 6.08 9.09 28.89
C ASP D 123 4.98 8.11 29.31
N LEU D 124 4.06 7.84 28.40
CA LEU D 124 2.97 6.90 28.66
C LEU D 124 3.50 5.49 28.77
N VAL D 125 4.36 5.08 27.85
CA VAL D 125 4.91 3.72 27.87
C VAL D 125 5.72 3.49 29.13
N GLU D 126 6.51 4.47 29.57
CA GLU D 126 7.29 4.33 30.80
C GLU D 126 6.39 4.24 32.02
N ALA D 127 5.35 5.07 32.08
CA ALA D 127 4.44 5.06 33.23
C ALA D 127 3.71 3.72 33.35
N ALA D 129 4.86 0.73 32.19
CA ALA D 129 5.84 -0.30 32.55
C ALA D 129 6.23 -0.20 34.02
N LYS D 130 6.26 1.02 34.56
CA LYS D 130 6.59 1.27 35.95
C LYS D 130 5.57 0.68 36.91
N THR D 131 4.34 0.43 36.47
CA THR D 131 3.32 -0.16 37.33
C THR D 131 3.62 -1.62 37.62
N GLY D 132 4.30 -2.31 36.72
CA GLY D 132 4.61 -3.72 36.89
C GLY D 132 3.51 -4.65 36.38
N ALA D 133 2.46 -4.08 35.80
CA ALA D 133 1.37 -4.92 35.29
C ALA D 133 1.77 -5.59 33.97
N VAL D 134 0.97 -6.58 33.62
CA VAL D 134 1.16 -7.24 32.31
C VAL D 134 0.69 -6.19 31.27
N ILE D 135 1.48 -6.01 30.22
CA ILE D 135 1.13 -5.01 29.22
C ILE D 135 0.82 -5.62 27.85
N ASN D 136 -0.30 -5.19 27.27
CA ASN D 136 -0.65 -5.64 25.91
C ASN D 136 -0.34 -4.47 24.96
N VAL D 137 0.59 -4.71 24.03
CA VAL D 137 0.90 -3.62 23.09
C VAL D 137 0.12 -3.77 21.80
N LYS D 138 -0.71 -2.80 21.49
CA LYS D 138 -1.48 -2.87 20.23
C LYS D 138 -0.58 -2.34 19.11
N LYS D 139 -0.31 -3.15 18.09
CA LYS D 139 0.57 -2.68 17.00
C LYS D 139 -0.15 -1.66 16.12
N PRO D 140 0.43 -0.48 15.94
CA PRO D 140 -0.18 0.53 15.10
C PRO D 140 -0.37 0.00 13.69
N GLN D 141 -1.46 0.40 13.02
CA GLN D 141 -1.70 -0.10 11.66
C GLN D 141 -0.62 0.33 10.68
N PHE D 142 0.16 1.35 11.04
CA PHE D 142 1.22 1.91 10.24
C PHE D 142 2.61 1.54 10.72
N LEU D 143 2.74 0.46 11.47
CA LEU D 143 4.01 0.01 12.00
C LEU D 143 4.42 -1.34 11.44
N SER D 144 5.71 -1.51 11.13
CA SER D 144 6.17 -2.80 10.63
C SER D 144 6.22 -3.76 11.81
N PRO D 145 5.97 -5.05 11.57
CA PRO D 145 5.99 -6.03 12.64
C PRO D 145 7.35 -6.10 13.31
N SER D 146 8.44 -5.85 12.56
CA SER D 146 9.78 -5.82 13.15
C SER D 146 9.95 -4.68 14.13
N GLN D 147 9.24 -3.56 13.97
CA GLN D 147 9.35 -2.44 14.89
C GLN D 147 8.80 -2.73 16.28
N GLY D 149 9.87 -4.88 18.24
CA GLY D 149 11.05 -5.18 19.03
C GLY D 149 11.51 -3.95 19.81
N ASN D 150 11.43 -2.76 19.21
CA ASN D 150 11.82 -1.53 19.86
C ASN D 150 10.93 -1.22 21.06
N ILE D 151 9.62 -1.42 20.90
CA ILE D 151 8.68 -1.15 21.99
C ILE D 151 8.91 -2.12 23.14
N VAL D 152 9.17 -3.39 22.81
CA VAL D 152 9.44 -4.38 23.85
C VAL D 152 10.67 -3.93 24.65
N GLU D 153 11.71 -3.52 23.92
CA GLU D 153 12.93 -3.06 24.59
C GLU D 153 12.66 -1.86 25.49
N LYS D 154 11.82 -0.95 25.04
CA LYS D 154 11.46 0.24 25.80
C LYS D 154 10.75 -0.09 27.09
N ILE D 155 9.85 -1.08 27.05
CA ILE D 155 9.13 -1.52 28.23
C ILE D 155 10.04 -2.28 29.18
N GLU D 156 10.89 -3.15 28.63
CA GLU D 156 11.80 -3.97 29.41
C GLU D 156 12.87 -3.15 30.12
N GLU D 157 13.22 -1.99 29.57
CA GLU D 157 14.22 -1.13 30.18
C GLU D 157 13.68 -0.45 31.43
N CYS D 158 12.37 -0.44 31.56
CA CYS D 158 11.66 0.11 32.70
C CYS D 158 11.47 -0.98 33.76
N GLY D 159 12.05 -2.16 33.59
CA GLY D 159 11.99 -3.24 34.53
C GLY D 159 10.87 -4.23 34.34
N ASN D 160 10.02 -4.00 33.34
CA ASN D 160 8.86 -4.85 33.10
C ASN D 160 9.03 -5.71 31.86
N ASP D 161 8.89 -7.02 32.00
CA ASP D 161 9.01 -7.95 30.89
C ASP D 161 7.74 -8.73 30.60
N LYS D 162 6.65 -8.47 31.31
CA LYS D 162 5.40 -9.20 31.10
C LYS D 162 4.63 -8.53 29.95
N ILE D 163 5.09 -8.80 28.74
CA ILE D 163 4.58 -8.17 27.54
C ILE D 163 3.93 -9.12 26.53
N ILE D 164 2.77 -8.69 26.06
CA ILE D 164 2.02 -9.40 25.03
C ILE D 164 1.90 -8.45 23.83
N LEU D 165 1.99 -8.97 22.63
CA LEU D 165 1.91 -8.15 21.42
C LEU D 165 0.64 -8.48 20.66
N CYS D 166 -0.08 -7.47 20.19
CA CYS D 166 -1.37 -7.70 19.54
C CYS D 166 -1.49 -7.05 18.17
N ASP D 167 -1.75 -7.85 17.15
CA ASP D 167 -1.94 -7.34 15.80
C ASP D 167 -3.38 -6.94 15.55
N ARG D 168 -3.58 -5.81 14.87
CA ARG D 168 -4.94 -5.39 14.50
C ARG D 168 -4.99 -5.02 13.02
N GLY D 169 -4.07 -5.61 12.25
CA GLY D 169 -4.07 -5.36 10.80
C GLY D 169 -3.19 -4.14 10.46
N THR D 170 -2.99 -3.97 9.16
CA THR D 170 -2.08 -2.91 8.68
C THR D 170 -2.75 -2.10 7.58
N ASN D 171 -2.41 -0.82 7.53
CA ASN D 171 -3.02 0.07 6.53
C ASN D 171 -2.73 -0.45 5.11
N PHE D 172 -3.76 -0.42 4.29
CA PHE D 172 -3.66 -0.89 2.91
C PHE D 172 -4.37 0.06 1.96
N GLY D 173 -3.64 1.09 1.52
CA GLY D 173 -4.26 2.11 0.67
C GLY D 173 -5.03 3.02 1.66
N TYR D 174 -5.95 3.80 1.15
CA TYR D 174 -6.69 4.69 2.03
C TYR D 174 -7.92 3.98 2.60
N ASP D 175 -8.20 4.23 3.86
CA ASP D 175 -9.39 3.69 4.52
C ASP D 175 -9.58 2.19 4.41
N ASN D 176 -8.52 1.40 4.46
CA ASN D 176 -8.66 -0.06 4.28
C ASN D 176 -7.54 -0.78 5.00
N LEU D 177 -7.80 -2.03 5.45
CA LEU D 177 -6.83 -2.74 6.26
C LEU D 177 -6.62 -4.18 5.76
N ILE D 178 -5.41 -4.67 5.87
CA ILE D 178 -5.17 -6.09 5.52
C ILE D 178 -4.39 -6.71 6.70
N VAL D 179 -4.63 -7.96 7.00
CA VAL D 179 -3.86 -8.62 8.05
C VAL D 179 -2.71 -9.41 7.44
N ASP D 180 -1.50 -9.09 7.82
CA ASP D 180 -0.33 -9.83 7.28
C ASP D 180 -0.10 -11.02 8.20
N LEU D 182 1.98 -13.34 7.84
CA LEU D 182 3.40 -13.60 8.07
C LEU D 182 3.98 -12.74 9.18
N GLY D 183 3.32 -11.65 9.56
CA GLY D 183 3.78 -10.73 10.57
C GLY D 183 3.84 -11.34 11.96
N PHE D 184 3.00 -12.32 12.27
CA PHE D 184 3.06 -12.91 13.62
C PHE D 184 4.43 -13.50 13.88
N SER D 185 5.01 -14.27 12.96
CA SER D 185 6.34 -14.84 13.25
C SER D 185 7.42 -13.78 13.23
N VAL D 186 7.25 -12.72 12.44
CA VAL D 186 8.20 -11.61 12.47
C VAL D 186 8.17 -10.98 13.86
N LYS D 188 7.24 -12.48 16.65
CA LYS D 188 7.80 -13.45 17.59
C LYS D 188 9.32 -13.36 17.60
N LYS D 189 9.90 -13.30 16.39
CA LYS D 189 11.35 -13.22 16.24
C LYS D 189 11.90 -11.91 16.75
N ALA D 190 11.27 -10.79 16.41
CA ALA D 190 11.74 -9.49 16.90
C ALA D 190 11.64 -9.32 18.40
N SER D 191 10.67 -9.94 19.06
CA SER D 191 10.52 -9.80 20.51
C SER D 191 11.21 -10.91 21.27
N LYS D 192 11.92 -11.79 20.58
CA LYS D 192 12.57 -12.93 21.20
C LYS D 192 11.56 -13.83 21.89
N GLY D 193 10.40 -14.08 21.27
CA GLY D 193 9.41 -14.97 21.77
C GLY D 193 8.25 -14.48 22.58
N SER D 194 7.97 -13.18 22.63
CA SER D 194 6.80 -12.72 23.42
C SER D 194 5.54 -13.26 22.78
N PRO D 195 4.51 -13.52 23.57
CA PRO D 195 3.26 -14.01 23.05
C PRO D 195 2.64 -12.98 22.10
N VAL D 196 2.14 -13.52 20.99
CA VAL D 196 1.49 -12.67 20.00
C VAL D 196 0.02 -13.03 19.92
N ILE D 197 -0.87 -12.04 19.97
CA ILE D 197 -2.30 -12.30 19.87
C ILE D 197 -2.87 -11.52 18.67
N PHE D 198 -4.04 -11.92 18.21
CA PHE D 198 -4.68 -11.35 17.04
C PHE D 198 -6.03 -10.73 17.37
N ASP D 199 -6.10 -9.41 17.19
CA ASP D 199 -7.35 -8.66 17.38
C ASP D 199 -8.13 -8.73 16.08
N VAL D 200 -9.07 -9.69 16.04
CA VAL D 200 -9.79 -9.89 14.78
C VAL D 200 -10.83 -8.82 14.55
N THR D 201 -11.46 -8.34 15.62
CA THR D 201 -12.49 -7.34 15.54
C THR D 201 -12.01 -6.06 14.86
N HIS D 202 -10.87 -5.56 15.31
CA HIS D 202 -10.39 -4.29 14.74
C HIS D 202 -9.70 -4.48 13.41
N SER D 203 -9.42 -5.73 13.02
CA SER D 203 -8.82 -6.00 11.73
C SER D 203 -9.84 -5.91 10.59
N LEU D 204 -11.13 -6.03 10.92
CA LEU D 204 -12.15 -6.01 9.86
C LEU D 204 -12.48 -4.59 9.44
N GLN D 205 -11.69 -4.06 8.50
CA GLN D 205 -11.81 -2.72 7.95
C GLN D 205 -12.78 -1.84 8.73
N ARG D 218 -18.56 -8.22 11.05
CA ARG D 218 -18.74 -8.63 9.67
C ARG D 218 -18.99 -10.13 9.56
N ALA D 219 -19.37 -10.53 8.35
CA ALA D 219 -19.64 -11.92 8.02
C ALA D 219 -18.37 -12.78 7.99
N GLN D 220 -17.21 -12.15 7.85
CA GLN D 220 -15.94 -12.82 7.79
C GLN D 220 -15.18 -12.85 9.09
N VAL D 221 -15.77 -12.48 10.23
CA VAL D 221 -15.04 -12.57 11.49
C VAL D 221 -14.56 -14.00 11.75
N THR D 222 -15.42 -14.99 11.53
CA THR D 222 -15.04 -16.38 11.85
C THR D 222 -13.89 -16.89 11.01
N GLU D 223 -13.99 -16.75 9.69
CA GLU D 223 -12.90 -17.26 8.84
C GLU D 223 -11.62 -16.51 9.06
N LEU D 224 -11.67 -15.20 9.35
CA LEU D 224 -10.42 -14.46 9.61
C LEU D 224 -9.81 -14.94 10.93
N ALA D 225 -10.67 -15.15 11.93
CA ALA D 225 -10.17 -15.65 13.22
C ALA D 225 -9.53 -17.03 13.04
N ARG D 226 -10.17 -17.91 12.23
CA ARG D 226 -9.61 -19.24 12.05
C ARG D 226 -8.24 -19.15 11.36
N SER D 227 -8.19 -18.26 10.37
CA SER D 227 -6.95 -18.07 9.60
C SER D 227 -5.82 -17.64 10.52
N GLY D 228 -6.09 -16.70 11.44
CA GLY D 228 -5.11 -16.23 12.39
C GLY D 228 -4.60 -17.32 13.32
N LEU D 229 -5.53 -18.05 13.96
CA LEU D 229 -5.15 -19.12 14.87
C LEU D 229 -4.39 -20.22 14.16
N ALA D 230 -4.63 -20.41 12.87
CA ALA D 230 -3.95 -21.44 12.08
C ALA D 230 -2.47 -21.23 11.98
N VAL D 231 -2.02 -19.98 12.14
CA VAL D 231 -0.60 -19.64 12.15
C VAL D 231 0.09 -20.20 13.38
N GLY D 232 -0.59 -20.26 14.52
CA GLY D 232 0.05 -20.76 15.76
C GLY D 232 0.41 -19.51 16.60
N ILE D 233 -0.60 -19.00 17.31
CA ILE D 233 -0.46 -17.78 18.11
C ILE D 233 -0.96 -17.96 19.55
N ALA D 234 -0.61 -17.02 20.42
CA ALA D 234 -0.94 -17.13 21.84
C ALA D 234 -2.37 -16.83 22.21
N GLY D 235 -3.12 -16.12 21.36
CA GLY D 235 -4.46 -15.75 21.74
C GLY D 235 -5.23 -14.98 20.69
N LEU D 236 -6.49 -14.73 20.99
CA LEU D 236 -7.43 -14.04 20.15
C LEU D 236 -8.10 -12.89 20.93
N PHE D 237 -8.15 -11.74 20.32
CA PHE D 237 -8.80 -10.56 20.95
C PHE D 237 -10.11 -10.36 20.23
N LEU D 238 -11.22 -10.31 20.97
CA LEU D 238 -12.53 -10.28 20.32
C LEU D 238 -13.52 -9.39 21.06
N GLU D 239 -14.35 -8.68 20.31
CA GLU D 239 -15.40 -7.88 20.94
C GLU D 239 -16.75 -8.43 20.48
N ALA D 240 -17.72 -8.42 21.38
CA ALA D 240 -19.07 -8.89 21.13
C ALA D 240 -20.06 -7.91 21.79
N HIS D 241 -21.32 -8.11 21.48
CA HIS D 241 -22.40 -7.28 22.02
C HIS D 241 -23.71 -8.01 21.81
N PRO D 242 -24.63 -7.88 22.77
CA PRO D 242 -25.93 -8.51 22.72
C PRO D 242 -26.68 -8.23 21.43
N ASN D 243 -26.71 -6.98 21.01
CA ASN D 243 -27.33 -6.53 19.77
C ASN D 243 -26.45 -5.47 19.12
N PRO D 244 -25.41 -5.89 18.41
CA PRO D 244 -24.43 -5.02 17.80
C PRO D 244 -24.92 -3.73 17.18
N ASN D 245 -26.07 -3.71 16.53
CA ASN D 245 -26.63 -2.54 15.90
C ASN D 245 -27.08 -1.45 16.86
N GLN D 246 -27.30 -1.78 18.13
CA GLN D 246 -27.73 -0.80 19.10
C GLN D 246 -26.56 -0.40 20.02
N ALA D 247 -25.39 -0.95 19.73
CA ALA D 247 -24.21 -0.63 20.52
C ALA D 247 -24.03 0.89 20.61
N LYS D 248 -23.57 1.38 21.75
CA LYS D 248 -23.38 2.82 21.91
C LYS D 248 -22.26 3.31 20.99
N CYS D 249 -21.19 2.52 21.03
CA CYS D 249 -20.09 2.81 20.10
C CYS D 249 -20.37 1.96 18.87
N ASP D 250 -19.70 2.31 17.76
CA ASP D 250 -19.95 1.57 16.53
C ASP D 250 -19.07 0.35 16.48
N GLY D 251 -19.69 -0.82 16.46
CA GLY D 251 -18.97 -2.10 16.37
C GLY D 251 -19.58 -2.84 15.17
N PRO D 252 -19.11 -2.48 13.98
CA PRO D 252 -19.59 -3.08 12.75
C PRO D 252 -19.14 -4.52 12.62
N SER D 253 -18.03 -4.87 13.28
CA SER D 253 -17.53 -6.23 13.21
C SER D 253 -17.67 -6.93 14.56
N ALA D 254 -18.40 -6.29 15.45
CA ALA D 254 -18.67 -6.91 16.76
C ALA D 254 -19.50 -8.18 16.55
N LEU D 255 -19.13 -9.24 17.27
CA LEU D 255 -19.87 -10.50 17.15
C LEU D 255 -21.14 -10.47 17.99
N PRO D 256 -22.23 -10.95 17.42
CA PRO D 256 -23.48 -11.08 18.15
C PRO D 256 -23.18 -12.03 19.31
N LEU D 257 -23.57 -11.70 20.53
CA LEU D 257 -23.32 -12.53 21.70
C LEU D 257 -23.80 -13.97 21.52
N SER D 258 -24.90 -14.16 20.82
CA SER D 258 -25.44 -15.50 20.60
C SER D 258 -24.57 -16.38 19.71
N ALA D 259 -23.62 -15.83 18.97
CA ALA D 259 -22.74 -16.65 18.13
C ALA D 259 -21.46 -17.02 18.85
N LEU D 260 -21.29 -16.62 20.11
CA LEU D 260 -20.06 -16.88 20.85
C LEU D 260 -19.71 -18.35 21.03
N GLU D 261 -20.68 -19.16 21.44
CA GLU D 261 -20.46 -20.57 21.69
C GLU D 261 -19.94 -21.28 20.43
N GLY D 262 -20.62 -21.06 19.33
CA GLY D 262 -20.23 -21.65 18.05
C GLY D 262 -18.85 -21.16 17.63
N PHE D 263 -18.63 -19.85 17.78
CA PHE D 263 -17.37 -19.22 17.38
C PHE D 263 -16.20 -19.77 18.17
N VAL D 264 -16.26 -19.73 19.50
CA VAL D 264 -15.20 -20.21 20.37
C VAL D 264 -14.96 -21.71 20.20
N SER D 265 -16.01 -22.46 19.89
CA SER D 265 -15.88 -23.91 19.66
C SER D 265 -14.97 -24.19 18.47
N GLN D 266 -15.18 -23.48 17.38
CA GLN D 266 -14.32 -23.61 16.19
C GLN D 266 -12.88 -23.23 16.51
N LYS D 268 -11.30 -23.23 19.51
CA LYS D 268 -10.61 -24.25 20.29
C LYS D 268 -10.25 -25.44 19.38
N ALA D 269 -11.11 -25.83 18.48
CA ALA D 269 -10.83 -26.97 17.58
C ALA D 269 -9.62 -26.72 16.69
N ILE D 270 -9.57 -25.58 16.02
CA ILE D 270 -8.42 -25.21 15.20
C ILE D 270 -7.14 -25.11 15.98
N ASP D 271 -7.20 -24.36 17.11
CA ASP D 271 -6.03 -24.15 17.94
C ASP D 271 -5.45 -25.47 18.44
N ASP D 272 -6.34 -26.30 18.98
CA ASP D 272 -5.91 -27.62 19.49
C ASP D 272 -5.23 -28.42 18.37
N LEU D 273 -5.84 -28.45 17.21
CA LEU D 273 -5.24 -29.15 16.07
C LEU D 273 -3.88 -28.56 15.73
N VAL D 274 -3.75 -27.23 15.51
CA VAL D 274 -2.44 -26.66 15.19
C VAL D 274 -1.38 -26.79 16.24
N LYS D 275 -1.73 -26.72 17.54
CA LYS D 275 -0.74 -26.83 18.58
C LYS D 275 -0.24 -28.28 18.73
N SER D 276 -0.93 -29.24 18.16
CA SER D 276 -0.58 -30.65 18.18
C SER D 276 0.39 -31.05 17.09
N PHE D 277 0.58 -30.18 16.10
CA PHE D 277 1.50 -30.45 15.01
C PHE D 277 2.95 -30.33 15.42
N PRO D 278 3.75 -31.32 15.04
CA PRO D 278 5.19 -31.28 15.30
C PRO D 278 5.72 -30.23 14.32
N GLU D 279 6.79 -29.54 14.65
CA GLU D 279 7.31 -28.53 13.71
C GLU D 279 7.74 -29.23 12.43
N LEU D 280 7.56 -28.57 11.30
CA LEU D 280 7.96 -29.20 10.03
C LEU D 280 9.33 -28.68 9.62
N ASP D 281 10.29 -29.57 9.41
CA ASP D 281 11.63 -29.11 9.00
C ASP D 281 11.52 -28.38 7.66
N THR D 282 11.50 -27.05 7.72
CA THR D 282 11.32 -26.21 6.54
C THR D 282 12.47 -25.27 6.30
#